data_1BJ8
# 
_entry.id   1BJ8 
# 
_audit_conform.dict_name       mmcif_pdbx.dic 
_audit_conform.dict_version    5.392 
_audit_conform.dict_location   http://mmcif.pdb.org/dictionaries/ascii/mmcif_pdbx.dic 
# 
loop_
_database_2.database_id 
_database_2.database_code 
_database_2.pdbx_database_accession 
_database_2.pdbx_DOI 
PDB   1BJ8         pdb_00001bj8 10.2210/pdb1bj8/pdb 
WWPDB D_1000171820 ?            ?                   
# 
loop_
_pdbx_audit_revision_history.ordinal 
_pdbx_audit_revision_history.data_content_type 
_pdbx_audit_revision_history.major_revision 
_pdbx_audit_revision_history.minor_revision 
_pdbx_audit_revision_history.revision_date 
1 'Structure model' 1 0 1999-01-13 
2 'Structure model' 1 1 2008-03-24 
3 'Structure model' 1 2 2011-07-13 
4 'Structure model' 1 3 2022-02-16 
5 'Structure model' 1 4 2024-05-22 
# 
_pdbx_audit_revision_details.ordinal             1 
_pdbx_audit_revision_details.revision_ordinal    1 
_pdbx_audit_revision_details.data_content_type   'Structure model' 
_pdbx_audit_revision_details.provider            repository 
_pdbx_audit_revision_details.type                'Initial release' 
_pdbx_audit_revision_details.description         ? 
_pdbx_audit_revision_details.details             ? 
# 
loop_
_pdbx_audit_revision_group.ordinal 
_pdbx_audit_revision_group.revision_ordinal 
_pdbx_audit_revision_group.data_content_type 
_pdbx_audit_revision_group.group 
1 2 'Structure model' 'Version format compliance' 
2 3 'Structure model' 'Version format compliance' 
3 4 'Structure model' 'Database references'       
4 4 'Structure model' 'Derived calculations'      
5 4 'Structure model' Other                       
6 5 'Structure model' 'Data collection'           
# 
loop_
_pdbx_audit_revision_category.ordinal 
_pdbx_audit_revision_category.revision_ordinal 
_pdbx_audit_revision_category.data_content_type 
_pdbx_audit_revision_category.category 
1 4 'Structure model' database_2            
2 4 'Structure model' pdbx_database_status  
3 4 'Structure model' pdbx_struct_assembly  
4 4 'Structure model' pdbx_struct_oper_list 
5 5 'Structure model' chem_comp_atom        
6 5 'Structure model' chem_comp_bond        
# 
loop_
_pdbx_audit_revision_item.ordinal 
_pdbx_audit_revision_item.revision_ordinal 
_pdbx_audit_revision_item.data_content_type 
_pdbx_audit_revision_item.item 
1 4 'Structure model' '_database_2.pdbx_DOI'                
2 4 'Structure model' '_database_2.pdbx_database_accession' 
3 4 'Structure model' '_pdbx_database_status.process_site'  
# 
_pdbx_database_status.status_code                     REL 
_pdbx_database_status.entry_id                        1BJ8 
_pdbx_database_status.recvd_initial_deposition_date   1998-07-02 
_pdbx_database_status.deposit_site                    ? 
_pdbx_database_status.process_site                    BNL 
_pdbx_database_status.SG_entry                        . 
_pdbx_database_status.pdb_format_compatible           Y 
_pdbx_database_status.status_code_mr                  ? 
_pdbx_database_status.status_code_sf                  ? 
_pdbx_database_status.status_code_cs                  ? 
_pdbx_database_status.status_code_nmr_data            ? 
_pdbx_database_status.methods_development_category    ? 
# 
loop_
_audit_author.name 
_audit_author.pdbx_ordinal 
'Kernebeck, T.'    1  
'Pflanz, S.'       2  
'Muller-Newen, G.' 3  
'Kurapkat, G.'     4  
'Scheek, R.M.'     5  
'Dijkstra, K.'     6  
'Heinrich, P.C.'   7  
'Wollmer, A.'      8  
'Grzesiek, S.'     9  
'Grotzinger, J.'   10 
# 
loop_
_citation.id 
_citation.title 
_citation.journal_abbrev 
_citation.journal_volume 
_citation.page_first 
_citation.page_last 
_citation.year 
_citation.journal_id_ASTM 
_citation.country 
_citation.journal_id_ISSN 
_citation.journal_id_CSD 
_citation.book_publisher 
_citation.pdbx_database_id_PubMed 
_citation.pdbx_database_id_DOI 
primary 'The signal transducer gp130: solution structure of the carboxy-terminal domain of the cytokine receptor homology region.' 
'Protein Sci.' 8   5   12 1999 PRCIEI US 0961-8368 0795 ? 10210178 ? 
1       
;The Signal Transducer Gp130--Bacterial Expression, Refolding and Properties of the Carboxy-Terminal Domain of the Cytokine-Binding Module
;
Eur.J.Biochem. 247 425 ?  1997 EJBCAI IX 0014-2956 0262 ? ?        ? 
# 
loop_
_citation_author.citation_id 
_citation_author.name 
_citation_author.ordinal 
_citation_author.identifier_ORCID 
primary 'Kernebeck, T.'    1  ? 
primary 'Pflanz, S.'       2  ? 
primary 'Muller-Newen, G.' 3  ? 
primary 'Kurapkat, G.'     4  ? 
primary 'Scheek, R.M.'     5  ? 
primary 'Dijkstra, K.'     6  ? 
primary 'Heinrich, P.C.'   7  ? 
primary 'Wollmer, A.'      8  ? 
primary 'Grzesiek, S.'     9  ? 
primary 'Grotzinger, J.'   10 ? 
1       'Muller-Newen, G.' 11 ? 
1       'Pflanz, S.'       12 ? 
1       'Hassiepen, U.'    13 ? 
1       'Stahl, J.'        14 ? 
1       'Wollmer, A.'      15 ? 
1       'Heinrich, P.C.'   16 ? 
1       'Grotzinger, J.'   17 ? 
# 
_entity.id                         1 
_entity.type                       polymer 
_entity.src_method                 man 
_entity.pdbx_description           GP130 
_entity.formula_weight             12652.174 
_entity.pdbx_number_of_molecules   1 
_entity.pdbx_ec                    ? 
_entity.pdbx_mutation              'V1M, Y2D' 
_entity.pdbx_fragment              'THIRD N-TERMINAL DOMAIN' 
_entity.details                    ? 
# 
_entity_poly.entity_id                      1 
_entity_poly.type                           'polypeptide(L)' 
_entity_poly.nstd_linkage                   no 
_entity_poly.nstd_monomer                   no 
_entity_poly.pdbx_seq_one_letter_code       
;MDKVKPNPPHNLSVINSEELSSILKLTWTNPSIKSVIILKYNIQYRTKDASTWSQIPPEDTASTRSSFTVQDLKPFTEYV
FRIRCMKEDGKGYWSDWSEEASGITYEDR
;
_entity_poly.pdbx_seq_one_letter_code_can   
;MDKVKPNPPHNLSVINSEELSSILKLTWTNPSIKSVIILKYNIQYRTKDASTWSQIPPEDTASTRSSFTVQDLKPFTEYV
FRIRCMKEDGKGYWSDWSEEASGITYEDR
;
_entity_poly.pdbx_strand_id                 A 
_entity_poly.pdbx_target_identifier         ? 
# 
loop_
_entity_poly_seq.entity_id 
_entity_poly_seq.num 
_entity_poly_seq.mon_id 
_entity_poly_seq.hetero 
1 1   MET n 
1 2   ASP n 
1 3   LYS n 
1 4   VAL n 
1 5   LYS n 
1 6   PRO n 
1 7   ASN n 
1 8   PRO n 
1 9   PRO n 
1 10  HIS n 
1 11  ASN n 
1 12  LEU n 
1 13  SER n 
1 14  VAL n 
1 15  ILE n 
1 16  ASN n 
1 17  SER n 
1 18  GLU n 
1 19  GLU n 
1 20  LEU n 
1 21  SER n 
1 22  SER n 
1 23  ILE n 
1 24  LEU n 
1 25  LYS n 
1 26  LEU n 
1 27  THR n 
1 28  TRP n 
1 29  THR n 
1 30  ASN n 
1 31  PRO n 
1 32  SER n 
1 33  ILE n 
1 34  LYS n 
1 35  SER n 
1 36  VAL n 
1 37  ILE n 
1 38  ILE n 
1 39  LEU n 
1 40  LYS n 
1 41  TYR n 
1 42  ASN n 
1 43  ILE n 
1 44  GLN n 
1 45  TYR n 
1 46  ARG n 
1 47  THR n 
1 48  LYS n 
1 49  ASP n 
1 50  ALA n 
1 51  SER n 
1 52  THR n 
1 53  TRP n 
1 54  SER n 
1 55  GLN n 
1 56  ILE n 
1 57  PRO n 
1 58  PRO n 
1 59  GLU n 
1 60  ASP n 
1 61  THR n 
1 62  ALA n 
1 63  SER n 
1 64  THR n 
1 65  ARG n 
1 66  SER n 
1 67  SER n 
1 68  PHE n 
1 69  THR n 
1 70  VAL n 
1 71  GLN n 
1 72  ASP n 
1 73  LEU n 
1 74  LYS n 
1 75  PRO n 
1 76  PHE n 
1 77  THR n 
1 78  GLU n 
1 79  TYR n 
1 80  VAL n 
1 81  PHE n 
1 82  ARG n 
1 83  ILE n 
1 84  ARG n 
1 85  CYS n 
1 86  MET n 
1 87  LYS n 
1 88  GLU n 
1 89  ASP n 
1 90  GLY n 
1 91  LYS n 
1 92  GLY n 
1 93  TYR n 
1 94  TRP n 
1 95  SER n 
1 96  ASP n 
1 97  TRP n 
1 98  SER n 
1 99  GLU n 
1 100 GLU n 
1 101 ALA n 
1 102 SER n 
1 103 GLY n 
1 104 ILE n 
1 105 THR n 
1 106 TYR n 
1 107 GLU n 
1 108 ASP n 
1 109 ARG n 
# 
_entity_src_gen.entity_id                          1 
_entity_src_gen.pdbx_src_id                        1 
_entity_src_gen.pdbx_alt_source_flag               sample 
_entity_src_gen.pdbx_seq_type                      ? 
_entity_src_gen.pdbx_beg_seq_num                   ? 
_entity_src_gen.pdbx_end_seq_num                   ? 
_entity_src_gen.gene_src_common_name               human 
_entity_src_gen.gene_src_genus                     Homo 
_entity_src_gen.pdbx_gene_src_gene                 ? 
_entity_src_gen.gene_src_species                   ? 
_entity_src_gen.gene_src_strain                    ? 
_entity_src_gen.gene_src_tissue                    ? 
_entity_src_gen.gene_src_tissue_fraction           ? 
_entity_src_gen.gene_src_details                   ? 
_entity_src_gen.pdbx_gene_src_fragment             ? 
_entity_src_gen.pdbx_gene_src_scientific_name      'Homo sapiens' 
_entity_src_gen.pdbx_gene_src_ncbi_taxonomy_id     9606 
_entity_src_gen.pdbx_gene_src_variant              ? 
_entity_src_gen.pdbx_gene_src_cell_line            ? 
_entity_src_gen.pdbx_gene_src_atcc                 ? 
_entity_src_gen.pdbx_gene_src_organ                ? 
_entity_src_gen.pdbx_gene_src_organelle            ? 
_entity_src_gen.pdbx_gene_src_cell                 ? 
_entity_src_gen.pdbx_gene_src_cellular_location    ? 
_entity_src_gen.host_org_common_name               ? 
_entity_src_gen.pdbx_host_org_scientific_name      'Escherichia coli BL21' 
_entity_src_gen.pdbx_host_org_ncbi_taxonomy_id     511693 
_entity_src_gen.host_org_genus                     Escherichia 
_entity_src_gen.pdbx_host_org_gene                 ? 
_entity_src_gen.pdbx_host_org_organ                ? 
_entity_src_gen.host_org_species                   'Escherichia coli' 
_entity_src_gen.pdbx_host_org_tissue               ? 
_entity_src_gen.pdbx_host_org_tissue_fraction      ? 
_entity_src_gen.pdbx_host_org_strain               BL21 
_entity_src_gen.pdbx_host_org_variant              ? 
_entity_src_gen.pdbx_host_org_cell_line            ? 
_entity_src_gen.pdbx_host_org_atcc                 ? 
_entity_src_gen.pdbx_host_org_culture_collection   ? 
_entity_src_gen.pdbx_host_org_cell                 ? 
_entity_src_gen.pdbx_host_org_organelle            ? 
_entity_src_gen.pdbx_host_org_cellular_location    ? 
_entity_src_gen.pdbx_host_org_vector_type          ? 
_entity_src_gen.pdbx_host_org_vector               ? 
_entity_src_gen.host_org_details                   ? 
_entity_src_gen.expression_system_id               ? 
_entity_src_gen.plasmid_name                       ? 
_entity_src_gen.plasmid_details                    ? 
_entity_src_gen.pdbx_description                   ? 
# 
loop_
_chem_comp.id 
_chem_comp.type 
_chem_comp.mon_nstd_flag 
_chem_comp.name 
_chem_comp.pdbx_synonyms 
_chem_comp.formula 
_chem_comp.formula_weight 
ALA 'L-peptide linking' y ALANINE         ? 'C3 H7 N O2'     89.093  
ARG 'L-peptide linking' y ARGININE        ? 'C6 H15 N4 O2 1' 175.209 
ASN 'L-peptide linking' y ASPARAGINE      ? 'C4 H8 N2 O3'    132.118 
ASP 'L-peptide linking' y 'ASPARTIC ACID' ? 'C4 H7 N O4'     133.103 
CYS 'L-peptide linking' y CYSTEINE        ? 'C3 H7 N O2 S'   121.158 
GLN 'L-peptide linking' y GLUTAMINE       ? 'C5 H10 N2 O3'   146.144 
GLU 'L-peptide linking' y 'GLUTAMIC ACID' ? 'C5 H9 N O4'     147.129 
GLY 'peptide linking'   y GLYCINE         ? 'C2 H5 N O2'     75.067  
HIS 'L-peptide linking' y HISTIDINE       ? 'C6 H10 N3 O2 1' 156.162 
ILE 'L-peptide linking' y ISOLEUCINE      ? 'C6 H13 N O2'    131.173 
LEU 'L-peptide linking' y LEUCINE         ? 'C6 H13 N O2'    131.173 
LYS 'L-peptide linking' y LYSINE          ? 'C6 H15 N2 O2 1' 147.195 
MET 'L-peptide linking' y METHIONINE      ? 'C5 H11 N O2 S'  149.211 
PHE 'L-peptide linking' y PHENYLALANINE   ? 'C9 H11 N O2'    165.189 
PRO 'L-peptide linking' y PROLINE         ? 'C5 H9 N O2'     115.130 
SER 'L-peptide linking' y SERINE          ? 'C3 H7 N O3'     105.093 
THR 'L-peptide linking' y THREONINE       ? 'C4 H9 N O3'     119.119 
TRP 'L-peptide linking' y TRYPTOPHAN      ? 'C11 H12 N2 O2'  204.225 
TYR 'L-peptide linking' y TYROSINE        ? 'C9 H11 N O3'    181.189 
VAL 'L-peptide linking' y VALINE          ? 'C5 H11 N O2'    117.146 
# 
loop_
_pdbx_poly_seq_scheme.asym_id 
_pdbx_poly_seq_scheme.entity_id 
_pdbx_poly_seq_scheme.seq_id 
_pdbx_poly_seq_scheme.mon_id 
_pdbx_poly_seq_scheme.ndb_seq_num 
_pdbx_poly_seq_scheme.pdb_seq_num 
_pdbx_poly_seq_scheme.auth_seq_num 
_pdbx_poly_seq_scheme.pdb_mon_id 
_pdbx_poly_seq_scheme.auth_mon_id 
_pdbx_poly_seq_scheme.pdb_strand_id 
_pdbx_poly_seq_scheme.pdb_ins_code 
_pdbx_poly_seq_scheme.hetero 
A 1 1   MET 1   1   1   MET MET A . n 
A 1 2   ASP 2   2   2   ASP ASP A . n 
A 1 3   LYS 3   3   3   LYS LYS A . n 
A 1 4   VAL 4   4   4   VAL VAL A . n 
A 1 5   LYS 5   5   5   LYS LYS A . n 
A 1 6   PRO 6   6   6   PRO PRO A . n 
A 1 7   ASN 7   7   7   ASN ASN A . n 
A 1 8   PRO 8   8   8   PRO PRO A . n 
A 1 9   PRO 9   9   9   PRO PRO A . n 
A 1 10  HIS 10  10  10  HIS HIS A . n 
A 1 11  ASN 11  11  11  ASN ASN A . n 
A 1 12  LEU 12  12  12  LEU LEU A . n 
A 1 13  SER 13  13  13  SER SER A . n 
A 1 14  VAL 14  14  14  VAL VAL A . n 
A 1 15  ILE 15  15  15  ILE ILE A . n 
A 1 16  ASN 16  16  16  ASN ASN A . n 
A 1 17  SER 17  17  17  SER SER A . n 
A 1 18  GLU 18  18  18  GLU GLU A . n 
A 1 19  GLU 19  19  19  GLU GLU A . n 
A 1 20  LEU 20  20  20  LEU LEU A . n 
A 1 21  SER 21  21  21  SER SER A . n 
A 1 22  SER 22  22  22  SER SER A . n 
A 1 23  ILE 23  23  23  ILE ILE A . n 
A 1 24  LEU 24  24  24  LEU LEU A . n 
A 1 25  LYS 25  25  25  LYS LYS A . n 
A 1 26  LEU 26  26  26  LEU LEU A . n 
A 1 27  THR 27  27  27  THR THR A . n 
A 1 28  TRP 28  28  28  TRP TRP A . n 
A 1 29  THR 29  29  29  THR THR A . n 
A 1 30  ASN 30  30  30  ASN ASN A . n 
A 1 31  PRO 31  31  31  PRO PRO A . n 
A 1 32  SER 32  32  32  SER SER A . n 
A 1 33  ILE 33  33  33  ILE ILE A . n 
A 1 34  LYS 34  34  34  LYS LYS A . n 
A 1 35  SER 35  35  35  SER SER A . n 
A 1 36  VAL 36  36  36  VAL VAL A . n 
A 1 37  ILE 37  37  37  ILE ILE A . n 
A 1 38  ILE 38  38  38  ILE ILE A . n 
A 1 39  LEU 39  39  39  LEU LEU A . n 
A 1 40  LYS 40  40  40  LYS LYS A . n 
A 1 41  TYR 41  41  41  TYR TYR A . n 
A 1 42  ASN 42  42  42  ASN ASN A . n 
A 1 43  ILE 43  43  43  ILE ILE A . n 
A 1 44  GLN 44  44  44  GLN GLN A . n 
A 1 45  TYR 45  45  45  TYR TYR A . n 
A 1 46  ARG 46  46  46  ARG ARG A . n 
A 1 47  THR 47  47  47  THR THR A . n 
A 1 48  LYS 48  48  48  LYS LYS A . n 
A 1 49  ASP 49  49  49  ASP ASP A . n 
A 1 50  ALA 50  50  50  ALA ALA A . n 
A 1 51  SER 51  51  51  SER SER A . n 
A 1 52  THR 52  52  52  THR THR A . n 
A 1 53  TRP 53  53  53  TRP TRP A . n 
A 1 54  SER 54  54  54  SER SER A . n 
A 1 55  GLN 55  55  55  GLN GLN A . n 
A 1 56  ILE 56  56  56  ILE ILE A . n 
A 1 57  PRO 57  57  57  PRO PRO A . n 
A 1 58  PRO 58  58  58  PRO PRO A . n 
A 1 59  GLU 59  59  59  GLU GLU A . n 
A 1 60  ASP 60  60  60  ASP ASP A . n 
A 1 61  THR 61  61  61  THR THR A . n 
A 1 62  ALA 62  62  62  ALA ALA A . n 
A 1 63  SER 63  63  63  SER SER A . n 
A 1 64  THR 64  64  64  THR THR A . n 
A 1 65  ARG 65  65  65  ARG ARG A . n 
A 1 66  SER 66  66  66  SER SER A . n 
A 1 67  SER 67  67  67  SER SER A . n 
A 1 68  PHE 68  68  68  PHE PHE A . n 
A 1 69  THR 69  69  69  THR THR A . n 
A 1 70  VAL 70  70  70  VAL VAL A . n 
A 1 71  GLN 71  71  71  GLN GLN A . n 
A 1 72  ASP 72  72  72  ASP ASP A . n 
A 1 73  LEU 73  73  73  LEU LEU A . n 
A 1 74  LYS 74  74  74  LYS LYS A . n 
A 1 75  PRO 75  75  75  PRO PRO A . n 
A 1 76  PHE 76  76  76  PHE PHE A . n 
A 1 77  THR 77  77  77  THR THR A . n 
A 1 78  GLU 78  78  78  GLU GLU A . n 
A 1 79  TYR 79  79  79  TYR TYR A . n 
A 1 80  VAL 80  80  80  VAL VAL A . n 
A 1 81  PHE 81  81  81  PHE PHE A . n 
A 1 82  ARG 82  82  82  ARG ARG A . n 
A 1 83  ILE 83  83  83  ILE ILE A . n 
A 1 84  ARG 84  84  84  ARG ARG A . n 
A 1 85  CYS 85  85  85  CYS CYS A . n 
A 1 86  MET 86  86  86  MET MET A . n 
A 1 87  LYS 87  87  87  LYS LYS A . n 
A 1 88  GLU 88  88  88  GLU GLU A . n 
A 1 89  ASP 89  89  89  ASP ASP A . n 
A 1 90  GLY 90  90  90  GLY GLY A . n 
A 1 91  LYS 91  91  91  LYS LYS A . n 
A 1 92  GLY 92  92  92  GLY GLY A . n 
A 1 93  TYR 93  93  93  TYR TYR A . n 
A 1 94  TRP 94  94  94  TRP TRP A . n 
A 1 95  SER 95  95  95  SER SER A . n 
A 1 96  ASP 96  96  96  ASP ASP A . n 
A 1 97  TRP 97  97  97  TRP TRP A . n 
A 1 98  SER 98  98  98  SER SER A . n 
A 1 99  GLU 99  99  99  GLU GLU A . n 
A 1 100 GLU 100 100 100 GLU GLU A . n 
A 1 101 ALA 101 101 101 ALA ALA A . n 
A 1 102 SER 102 102 102 SER SER A . n 
A 1 103 GLY 103 103 103 GLY GLY A . n 
A 1 104 ILE 104 104 104 ILE ILE A . n 
A 1 105 THR 105 105 105 THR THR A . n 
A 1 106 TYR 106 106 106 TYR TYR A . n 
A 1 107 GLU 107 107 107 GLU GLU A . n 
A 1 108 ASP 108 108 108 ASP ASP A . n 
A 1 109 ARG 109 109 109 ARG ARG A . n 
# 
_cell.entry_id           1BJ8 
_cell.length_a           1.000 
_cell.length_b           1.000 
_cell.length_c           1.000 
_cell.angle_alpha        90.00 
_cell.angle_beta         90.00 
_cell.angle_gamma        90.00 
_cell.Z_PDB              1 
_cell.pdbx_unique_axis   ? 
# 
_symmetry.entry_id                         1BJ8 
_symmetry.space_group_name_H-M             'P 1' 
_symmetry.pdbx_full_space_group_name_H-M   ? 
_symmetry.cell_setting                     ? 
_symmetry.Int_Tables_number                1 
# 
_exptl.entry_id          1BJ8 
_exptl.method            'SOLUTION NMR' 
_exptl.crystals_number   ? 
# 
_struct.entry_id                  1BJ8 
_struct.title                     'THIRD N-TERMINAL DOMAIN OF GP130, NMR, MINIMIZED AVERAGE STRUCTURE' 
_struct.pdbx_model_details        ? 
_struct.pdbx_CASP_flag            ? 
_struct.pdbx_model_type_details   ? 
# 
_struct_keywords.entry_id        1BJ8 
_struct_keywords.pdbx_keywords   RECEPTOR 
_struct_keywords.text            
'RECEPTOR, SIGNAL TRANSDUCER OF IL-6 TYPE CYTOKINES, THIRD N-TERMINAL DOMAIN, TRANSMEMBRANE, GLYCOPROTEIN' 
# 
_struct_asym.id                            A 
_struct_asym.pdbx_blank_PDB_chainid_flag   Y 
_struct_asym.pdbx_modified                 N 
_struct_asym.entity_id                     1 
_struct_asym.details                       ? 
# 
_struct_ref.id                         1 
_struct_ref.db_name                    UNP 
_struct_ref.db_code                    IL6RB_HUMAN 
_struct_ref.entity_id                  1 
_struct_ref.pdbx_db_accession          P40189 
_struct_ref.pdbx_align_begin           1 
_struct_ref.pdbx_seq_one_letter_code   
;MLTLQTWVVQALFIFLTTESTGELLDPCGYISPESPVVQLHSNFTAVCVLKEKCMDYFHVNANYIVWKTNHFTIPKEQYT
IINRTASSVTFTDIASLNIQLTCNILTFGQLEQNVYGITIISGLPPEKPKNLSCIVNEGKKMRCEWDGGRETHLETNFTL
KSEWATHKFADCKAKRDTPTSCTVDYSTVYFVNIEVWVEAENALGKVTSDHINFDPVYKVKPNPPHNLSVINSEELSSIL
KLTWTNPSIKSVIILKYNIQYRTKDASTWSQIPPEDTASTRSSFTVQDLKPFTEYVFRIRCMKEDGKGYWSDWSEEASGI
TYEDRPSKAPSFWYKIDPSHTQGYRTVQLVWKTLPPFEANGKILDYEVTLTRWKSHLQNYTVNATKLTVNLTNDRYLATL
TVRNLVGKSDAAVLTIPACDFQATHPVMDLKAFPKDNMLWVEWTTPRESVKKYILEWCVLSDKAPCITDWQQEDGTVHRT
YLRGNLAESKCYLITVTPVYADGPGSPESIKAYLKQAPPSKGPTVRTKKVGKNEAVLEWDQLPVDVQNGFIRNYTIFYRT
IIGNETAVNVDSSHTEYTLSSLTSDTLYMVRMAAYTDEGGKDGPEFTFTTPKFAQGEIEAIVVPVCLAFLLTTLLGVLFC
FNKRDLIKKHIWPNVPDPSKSHIAQWSPHTPPRHNFNSKDQMYSDGNFTDVSVVEIEANDKKPFPEDLKSLDLFKKEKIN
TEGHSSGIGGSSCMSSSRPSISSSDENESSQNTSSTVQYSTVVHSGYRHQVPSVQVFSRSESTQPLLDSEERPEDLQLVD
HVDGGDGILPRQQYFKQNCSQHESSPDISHFERSKQVSSVNEEDFVRLKQQISDHISQSCGSGQMKMFQEVSAADAFGPG
TEGQVERFETVGMEAATDEGMPKSYLPQTVRQGGYMPQ
;
_struct_ref.pdbx_db_isoform            ? 
# 
_struct_ref_seq.align_id                      1 
_struct_ref_seq.ref_id                        1 
_struct_ref_seq.pdbx_PDB_id_code              1BJ8 
_struct_ref_seq.pdbx_strand_id                A 
_struct_ref_seq.seq_align_beg                 3 
_struct_ref_seq.pdbx_seq_align_beg_ins_code   ? 
_struct_ref_seq.seq_align_end                 109 
_struct_ref_seq.pdbx_seq_align_end_ins_code   ? 
_struct_ref_seq.pdbx_db_accession             P40189 
_struct_ref_seq.db_align_beg                  219 
_struct_ref_seq.pdbx_db_align_beg_ins_code    ? 
_struct_ref_seq.db_align_end                  325 
_struct_ref_seq.pdbx_db_align_end_ins_code    ? 
_struct_ref_seq.pdbx_auth_seq_align_beg       3 
_struct_ref_seq.pdbx_auth_seq_align_end       109 
# 
_pdbx_struct_assembly.id                   1 
_pdbx_struct_assembly.details              author_defined_assembly 
_pdbx_struct_assembly.method_details       ? 
_pdbx_struct_assembly.oligomeric_details   monomeric 
_pdbx_struct_assembly.oligomeric_count     1 
# 
_pdbx_struct_assembly_gen.assembly_id       1 
_pdbx_struct_assembly_gen.oper_expression   1 
_pdbx_struct_assembly_gen.asym_id_list      A 
# 
_pdbx_struct_oper_list.id                   1 
_pdbx_struct_oper_list.type                 'identity operation' 
_pdbx_struct_oper_list.name                 1_555 
_pdbx_struct_oper_list.symmetry_operation   x,y,z 
_pdbx_struct_oper_list.matrix[1][1]         1.0000000000 
_pdbx_struct_oper_list.matrix[1][2]         0.0000000000 
_pdbx_struct_oper_list.matrix[1][3]         0.0000000000 
_pdbx_struct_oper_list.vector[1]            0.0000000000 
_pdbx_struct_oper_list.matrix[2][1]         0.0000000000 
_pdbx_struct_oper_list.matrix[2][2]         1.0000000000 
_pdbx_struct_oper_list.matrix[2][3]         0.0000000000 
_pdbx_struct_oper_list.vector[2]            0.0000000000 
_pdbx_struct_oper_list.matrix[3][1]         0.0000000000 
_pdbx_struct_oper_list.matrix[3][2]         0.0000000000 
_pdbx_struct_oper_list.matrix[3][3]         1.0000000000 
_pdbx_struct_oper_list.vector[3]            0.0000000000 
# 
_struct_biol.id   1 
# 
_struct_conf.conf_type_id            HELX_P 
_struct_conf.id                      HELX_P1 
_struct_conf.pdbx_PDB_helix_id       1 
_struct_conf.beg_label_comp_id       ASP 
_struct_conf.beg_label_asym_id       A 
_struct_conf.beg_label_seq_id        60 
_struct_conf.pdbx_beg_PDB_ins_code   ? 
_struct_conf.end_label_comp_id       ALA 
_struct_conf.end_label_asym_id       A 
_struct_conf.end_label_seq_id        62 
_struct_conf.pdbx_end_PDB_ins_code   ? 
_struct_conf.beg_auth_comp_id        ASP 
_struct_conf.beg_auth_asym_id        A 
_struct_conf.beg_auth_seq_id         60 
_struct_conf.end_auth_comp_id        ALA 
_struct_conf.end_auth_asym_id        A 
_struct_conf.end_auth_seq_id         62 
_struct_conf.pdbx_PDB_helix_class    5 
_struct_conf.details                 ? 
_struct_conf.pdbx_PDB_helix_length   3 
# 
_struct_conf_type.id          HELX_P 
_struct_conf_type.criteria    ? 
_struct_conf_type.reference   ? 
# 
loop_
_struct_sheet.id 
_struct_sheet.type 
_struct_sheet.number_strands 
_struct_sheet.details 
A ? 2 ? 
B ? 3 ? 
# 
loop_
_struct_sheet_order.sheet_id 
_struct_sheet_order.range_id_1 
_struct_sheet_order.range_id_2 
_struct_sheet_order.offset 
_struct_sheet_order.sense 
A 1 2 ? anti-parallel 
B 1 2 ? anti-parallel 
B 2 3 ? anti-parallel 
# 
loop_
_struct_sheet_range.sheet_id 
_struct_sheet_range.id 
_struct_sheet_range.beg_label_comp_id 
_struct_sheet_range.beg_label_asym_id 
_struct_sheet_range.beg_label_seq_id 
_struct_sheet_range.pdbx_beg_PDB_ins_code 
_struct_sheet_range.end_label_comp_id 
_struct_sheet_range.end_label_asym_id 
_struct_sheet_range.end_label_seq_id 
_struct_sheet_range.pdbx_end_PDB_ins_code 
_struct_sheet_range.beg_auth_comp_id 
_struct_sheet_range.beg_auth_asym_id 
_struct_sheet_range.beg_auth_seq_id 
_struct_sheet_range.end_auth_comp_id 
_struct_sheet_range.end_auth_asym_id 
_struct_sheet_range.end_auth_seq_id 
A 1 LEU A 24 ? THR A 27  ? LEU A 24 THR A 27  
A 2 SER A 67 ? VAL A 70  ? SER A 67 VAL A 70  
B 1 LEU A 39 ? THR A 47  ? LEU A 39 THR A 47  
B 2 GLU A 78 ? LYS A 87  ? GLU A 78 LYS A 87  
B 3 GLU A 99 ? ILE A 104 ? GLU A 99 ILE A 104 
# 
loop_
_pdbx_struct_sheet_hbond.sheet_id 
_pdbx_struct_sheet_hbond.range_id_1 
_pdbx_struct_sheet_hbond.range_id_2 
_pdbx_struct_sheet_hbond.range_1_label_atom_id 
_pdbx_struct_sheet_hbond.range_1_label_comp_id 
_pdbx_struct_sheet_hbond.range_1_label_asym_id 
_pdbx_struct_sheet_hbond.range_1_label_seq_id 
_pdbx_struct_sheet_hbond.range_1_PDB_ins_code 
_pdbx_struct_sheet_hbond.range_1_auth_atom_id 
_pdbx_struct_sheet_hbond.range_1_auth_comp_id 
_pdbx_struct_sheet_hbond.range_1_auth_asym_id 
_pdbx_struct_sheet_hbond.range_1_auth_seq_id 
_pdbx_struct_sheet_hbond.range_2_label_atom_id 
_pdbx_struct_sheet_hbond.range_2_label_comp_id 
_pdbx_struct_sheet_hbond.range_2_label_asym_id 
_pdbx_struct_sheet_hbond.range_2_label_seq_id 
_pdbx_struct_sheet_hbond.range_2_PDB_ins_code 
_pdbx_struct_sheet_hbond.range_2_auth_atom_id 
_pdbx_struct_sheet_hbond.range_2_auth_comp_id 
_pdbx_struct_sheet_hbond.range_2_auth_asym_id 
_pdbx_struct_sheet_hbond.range_2_auth_seq_id 
A 1 2 O LEU A 24 ? O LEU A 24 N VAL A 70  ? N VAL A 70  
B 1 2 O LYS A 40 ? O LYS A 40 N MET A 86  ? N MET A 86  
B 2 3 O TYR A 79 ? O TYR A 79 N GLY A 103 ? N GLY A 103 
# 
_pdbx_validate_rmsd_angle.id                         1 
_pdbx_validate_rmsd_angle.PDB_model_num              1 
_pdbx_validate_rmsd_angle.auth_atom_id_1             NE 
_pdbx_validate_rmsd_angle.auth_asym_id_1             A 
_pdbx_validate_rmsd_angle.auth_comp_id_1             ARG 
_pdbx_validate_rmsd_angle.auth_seq_id_1              46 
_pdbx_validate_rmsd_angle.PDB_ins_code_1             ? 
_pdbx_validate_rmsd_angle.label_alt_id_1             ? 
_pdbx_validate_rmsd_angle.auth_atom_id_2             CZ 
_pdbx_validate_rmsd_angle.auth_asym_id_2             A 
_pdbx_validate_rmsd_angle.auth_comp_id_2             ARG 
_pdbx_validate_rmsd_angle.auth_seq_id_2              46 
_pdbx_validate_rmsd_angle.PDB_ins_code_2             ? 
_pdbx_validate_rmsd_angle.label_alt_id_2             ? 
_pdbx_validate_rmsd_angle.auth_atom_id_3             NH1 
_pdbx_validate_rmsd_angle.auth_asym_id_3             A 
_pdbx_validate_rmsd_angle.auth_comp_id_3             ARG 
_pdbx_validate_rmsd_angle.auth_seq_id_3              46 
_pdbx_validate_rmsd_angle.PDB_ins_code_3             ? 
_pdbx_validate_rmsd_angle.label_alt_id_3             ? 
_pdbx_validate_rmsd_angle.angle_value                124.17 
_pdbx_validate_rmsd_angle.angle_target_value         120.30 
_pdbx_validate_rmsd_angle.angle_deviation            3.87 
_pdbx_validate_rmsd_angle.angle_standard_deviation   0.50 
_pdbx_validate_rmsd_angle.linker_flag                N 
# 
loop_
_pdbx_validate_torsion.id 
_pdbx_validate_torsion.PDB_model_num 
_pdbx_validate_torsion.auth_comp_id 
_pdbx_validate_torsion.auth_asym_id 
_pdbx_validate_torsion.auth_seq_id 
_pdbx_validate_torsion.PDB_ins_code 
_pdbx_validate_torsion.label_alt_id 
_pdbx_validate_torsion.phi 
_pdbx_validate_torsion.psi 
1  1 ASP A 2   ? ? -125.41 -103.41 
2  1 LYS A 3   ? ? -129.49 -169.79 
3  1 ASN A 7   ? ? 3.95    138.21  
4  1 HIS A 10  ? ? -68.42  -174.33 
5  1 GLU A 18  ? ? 31.31   -79.17  
6  1 ASN A 30  ? ? -49.08  150.66  
7  1 SER A 32  ? ? 175.81  -35.57  
8  1 ILE A 33  ? ? -37.20  137.23  
9  1 LYS A 34  ? ? -98.31  -144.26 
10 1 SER A 35  ? ? -75.50  38.97   
11 1 ILE A 37  ? ? 49.06   103.69  
12 1 SER A 54  ? ? -96.90  -152.51 
13 1 PRO A 58  ? ? -67.81  77.21   
14 1 GLU A 59  ? ? -120.28 -63.51  
15 1 THR A 61  ? ? -88.18  43.13   
16 1 SER A 63  ? ? -164.61 81.72   
17 1 THR A 64  ? ? 36.63   97.88   
18 1 SER A 66  ? ? 61.12   -14.21  
19 1 ASP A 72  ? ? 71.85   50.03   
20 1 PHE A 76  ? ? 62.31   -11.00  
21 1 GLU A 88  ? ? -28.24  129.67  
22 1 ASP A 89  ? ? 119.76  -157.07 
23 1 TRP A 94  ? ? -39.78  135.44  
24 1 TRP A 97  ? ? -5.39   128.23  
25 1 GLU A 99  ? ? 170.19  177.44  
26 1 TYR A 106 ? ? 33.49   -124.53 
# 
loop_
_pdbx_validate_planes.id 
_pdbx_validate_planes.PDB_model_num 
_pdbx_validate_planes.auth_comp_id 
_pdbx_validate_planes.auth_asym_id 
_pdbx_validate_planes.auth_seq_id 
_pdbx_validate_planes.PDB_ins_code 
_pdbx_validate_planes.label_alt_id 
_pdbx_validate_planes.rmsd 
_pdbx_validate_planes.type 
1 1 TYR A 41 ? ? 0.107 'SIDE CHAIN' 
2 1 TYR A 79 ? ? 0.079 'SIDE CHAIN' 
# 
_pdbx_nmr_ensemble.entry_id                             1BJ8 
_pdbx_nmr_ensemble.conformers_calculated_total_number   22 
_pdbx_nmr_ensemble.conformers_submitted_total_number    1 
_pdbx_nmr_ensemble.conformer_selection_criteria         'LEAST RESTRAINT VIOLATION' 
# 
_pdbx_nmr_sample_details.solution_id   1 
_pdbx_nmr_sample_details.contents      WATER 
# 
_pdbx_nmr_exptl_sample_conditions.conditions_id       1 
_pdbx_nmr_exptl_sample_conditions.temperature         298 
_pdbx_nmr_exptl_sample_conditions.pressure            1 
_pdbx_nmr_exptl_sample_conditions.pH                  7.4 
_pdbx_nmr_exptl_sample_conditions.ionic_strength      '200 mM NACL' 
_pdbx_nmr_exptl_sample_conditions.pressure_units      atm 
_pdbx_nmr_exptl_sample_conditions.temperature_units   K 
# 
loop_
_pdbx_nmr_exptl.experiment_id 
_pdbx_nmr_exptl.conditions_id 
_pdbx_nmr_exptl.type 
_pdbx_nmr_exptl.solution_id 
1  1 'CBCA(CO)NH'        1 
2  1 CBCANH              1 
3  1 'C(CO)NH'           1 
4  1 HNCA                1 
5  1 'HBHA(CO)NH'        1 
6  1 '15N-EDITED HOHAHA' 1 
7  1 '13C-EDITED TOCSY'  1 
8  1 '15N-EDITED NOESY'  1 
9  1 '13C-EDITED NOESY'  1 
10 1 HNHA                1 
# 
_pdbx_nmr_details.entry_id   1BJ8 
_pdbx_nmr_details.text       'THE STRUCTURE WAS DETERMINED USING TRIPLE-RESONANCE NMR SPECTROSCOPY ON 13C, 15N-LABELED PROTEIN' 
# 
_pdbx_nmr_refine.entry_id           1BJ8 
_pdbx_nmr_refine.method             'DISTANCE GEOMETRY, RESTRAINED MOLECULAR DYNAMICS, SIMULATED ANNEALING' 
_pdbx_nmr_refine.details            
;THE FINAL 22 STRUCTURES WERE CALCULATED USING A TOTAL OF 1575 RESTRAINTS. DISTANCE BOUND DRIVEN DYNAMICS WAS DONE FOR 1000 STEPS AT 1000 KELVIN, FOLLOWED BY 1000 STEPS OF SIMULATED ANNEALING TO 10 KELVIN. THE MEAN STRUCTURE WAS ENERGY MINIMIZED USING THE GROMOS PROGRAMM PACKAGE.
;
_pdbx_nmr_refine.software_ordinal   1 
# 
loop_
_pdbx_nmr_software.classification 
_pdbx_nmr_software.name 
_pdbx_nmr_software.version 
_pdbx_nmr_software.authors 
_pdbx_nmr_software.ordinal 
refinement           DDD ? SCHEEK 1 
'structure solution' DDD ? ?      2 
# 
loop_
_chem_comp_atom.comp_id 
_chem_comp_atom.atom_id 
_chem_comp_atom.type_symbol 
_chem_comp_atom.pdbx_aromatic_flag 
_chem_comp_atom.pdbx_stereo_config 
_chem_comp_atom.pdbx_ordinal 
ALA N    N N N 1   
ALA CA   C N S 2   
ALA C    C N N 3   
ALA O    O N N 4   
ALA CB   C N N 5   
ALA OXT  O N N 6   
ALA H    H N N 7   
ALA H2   H N N 8   
ALA HA   H N N 9   
ALA HB1  H N N 10  
ALA HB2  H N N 11  
ALA HB3  H N N 12  
ALA HXT  H N N 13  
ARG N    N N N 14  
ARG CA   C N S 15  
ARG C    C N N 16  
ARG O    O N N 17  
ARG CB   C N N 18  
ARG CG   C N N 19  
ARG CD   C N N 20  
ARG NE   N N N 21  
ARG CZ   C N N 22  
ARG NH1  N N N 23  
ARG NH2  N N N 24  
ARG OXT  O N N 25  
ARG H    H N N 26  
ARG H2   H N N 27  
ARG HA   H N N 28  
ARG HB2  H N N 29  
ARG HB3  H N N 30  
ARG HG2  H N N 31  
ARG HG3  H N N 32  
ARG HD2  H N N 33  
ARG HD3  H N N 34  
ARG HE   H N N 35  
ARG HH11 H N N 36  
ARG HH12 H N N 37  
ARG HH21 H N N 38  
ARG HH22 H N N 39  
ARG HXT  H N N 40  
ASN N    N N N 41  
ASN CA   C N S 42  
ASN C    C N N 43  
ASN O    O N N 44  
ASN CB   C N N 45  
ASN CG   C N N 46  
ASN OD1  O N N 47  
ASN ND2  N N N 48  
ASN OXT  O N N 49  
ASN H    H N N 50  
ASN H2   H N N 51  
ASN HA   H N N 52  
ASN HB2  H N N 53  
ASN HB3  H N N 54  
ASN HD21 H N N 55  
ASN HD22 H N N 56  
ASN HXT  H N N 57  
ASP N    N N N 58  
ASP CA   C N S 59  
ASP C    C N N 60  
ASP O    O N N 61  
ASP CB   C N N 62  
ASP CG   C N N 63  
ASP OD1  O N N 64  
ASP OD2  O N N 65  
ASP OXT  O N N 66  
ASP H    H N N 67  
ASP H2   H N N 68  
ASP HA   H N N 69  
ASP HB2  H N N 70  
ASP HB3  H N N 71  
ASP HD2  H N N 72  
ASP HXT  H N N 73  
CYS N    N N N 74  
CYS CA   C N R 75  
CYS C    C N N 76  
CYS O    O N N 77  
CYS CB   C N N 78  
CYS SG   S N N 79  
CYS OXT  O N N 80  
CYS H    H N N 81  
CYS H2   H N N 82  
CYS HA   H N N 83  
CYS HB2  H N N 84  
CYS HB3  H N N 85  
CYS HG   H N N 86  
CYS HXT  H N N 87  
GLN N    N N N 88  
GLN CA   C N S 89  
GLN C    C N N 90  
GLN O    O N N 91  
GLN CB   C N N 92  
GLN CG   C N N 93  
GLN CD   C N N 94  
GLN OE1  O N N 95  
GLN NE2  N N N 96  
GLN OXT  O N N 97  
GLN H    H N N 98  
GLN H2   H N N 99  
GLN HA   H N N 100 
GLN HB2  H N N 101 
GLN HB3  H N N 102 
GLN HG2  H N N 103 
GLN HG3  H N N 104 
GLN HE21 H N N 105 
GLN HE22 H N N 106 
GLN HXT  H N N 107 
GLU N    N N N 108 
GLU CA   C N S 109 
GLU C    C N N 110 
GLU O    O N N 111 
GLU CB   C N N 112 
GLU CG   C N N 113 
GLU CD   C N N 114 
GLU OE1  O N N 115 
GLU OE2  O N N 116 
GLU OXT  O N N 117 
GLU H    H N N 118 
GLU H2   H N N 119 
GLU HA   H N N 120 
GLU HB2  H N N 121 
GLU HB3  H N N 122 
GLU HG2  H N N 123 
GLU HG3  H N N 124 
GLU HE2  H N N 125 
GLU HXT  H N N 126 
GLY N    N N N 127 
GLY CA   C N N 128 
GLY C    C N N 129 
GLY O    O N N 130 
GLY OXT  O N N 131 
GLY H    H N N 132 
GLY H2   H N N 133 
GLY HA2  H N N 134 
GLY HA3  H N N 135 
GLY HXT  H N N 136 
HIS N    N N N 137 
HIS CA   C N S 138 
HIS C    C N N 139 
HIS O    O N N 140 
HIS CB   C N N 141 
HIS CG   C Y N 142 
HIS ND1  N Y N 143 
HIS CD2  C Y N 144 
HIS CE1  C Y N 145 
HIS NE2  N Y N 146 
HIS OXT  O N N 147 
HIS H    H N N 148 
HIS H2   H N N 149 
HIS HA   H N N 150 
HIS HB2  H N N 151 
HIS HB3  H N N 152 
HIS HD1  H N N 153 
HIS HD2  H N N 154 
HIS HE1  H N N 155 
HIS HE2  H N N 156 
HIS HXT  H N N 157 
ILE N    N N N 158 
ILE CA   C N S 159 
ILE C    C N N 160 
ILE O    O N N 161 
ILE CB   C N S 162 
ILE CG1  C N N 163 
ILE CG2  C N N 164 
ILE CD1  C N N 165 
ILE OXT  O N N 166 
ILE H    H N N 167 
ILE H2   H N N 168 
ILE HA   H N N 169 
ILE HB   H N N 170 
ILE HG12 H N N 171 
ILE HG13 H N N 172 
ILE HG21 H N N 173 
ILE HG22 H N N 174 
ILE HG23 H N N 175 
ILE HD11 H N N 176 
ILE HD12 H N N 177 
ILE HD13 H N N 178 
ILE HXT  H N N 179 
LEU N    N N N 180 
LEU CA   C N S 181 
LEU C    C N N 182 
LEU O    O N N 183 
LEU CB   C N N 184 
LEU CG   C N N 185 
LEU CD1  C N N 186 
LEU CD2  C N N 187 
LEU OXT  O N N 188 
LEU H    H N N 189 
LEU H2   H N N 190 
LEU HA   H N N 191 
LEU HB2  H N N 192 
LEU HB3  H N N 193 
LEU HG   H N N 194 
LEU HD11 H N N 195 
LEU HD12 H N N 196 
LEU HD13 H N N 197 
LEU HD21 H N N 198 
LEU HD22 H N N 199 
LEU HD23 H N N 200 
LEU HXT  H N N 201 
LYS N    N N N 202 
LYS CA   C N S 203 
LYS C    C N N 204 
LYS O    O N N 205 
LYS CB   C N N 206 
LYS CG   C N N 207 
LYS CD   C N N 208 
LYS CE   C N N 209 
LYS NZ   N N N 210 
LYS OXT  O N N 211 
LYS H    H N N 212 
LYS H2   H N N 213 
LYS HA   H N N 214 
LYS HB2  H N N 215 
LYS HB3  H N N 216 
LYS HG2  H N N 217 
LYS HG3  H N N 218 
LYS HD2  H N N 219 
LYS HD3  H N N 220 
LYS HE2  H N N 221 
LYS HE3  H N N 222 
LYS HZ1  H N N 223 
LYS HZ2  H N N 224 
LYS HZ3  H N N 225 
LYS HXT  H N N 226 
MET N    N N N 227 
MET CA   C N S 228 
MET C    C N N 229 
MET O    O N N 230 
MET CB   C N N 231 
MET CG   C N N 232 
MET SD   S N N 233 
MET CE   C N N 234 
MET OXT  O N N 235 
MET H    H N N 236 
MET H2   H N N 237 
MET HA   H N N 238 
MET HB2  H N N 239 
MET HB3  H N N 240 
MET HG2  H N N 241 
MET HG3  H N N 242 
MET HE1  H N N 243 
MET HE2  H N N 244 
MET HE3  H N N 245 
MET HXT  H N N 246 
PHE N    N N N 247 
PHE CA   C N S 248 
PHE C    C N N 249 
PHE O    O N N 250 
PHE CB   C N N 251 
PHE CG   C Y N 252 
PHE CD1  C Y N 253 
PHE CD2  C Y N 254 
PHE CE1  C Y N 255 
PHE CE2  C Y N 256 
PHE CZ   C Y N 257 
PHE OXT  O N N 258 
PHE H    H N N 259 
PHE H2   H N N 260 
PHE HA   H N N 261 
PHE HB2  H N N 262 
PHE HB3  H N N 263 
PHE HD1  H N N 264 
PHE HD2  H N N 265 
PHE HE1  H N N 266 
PHE HE2  H N N 267 
PHE HZ   H N N 268 
PHE HXT  H N N 269 
PRO N    N N N 270 
PRO CA   C N S 271 
PRO C    C N N 272 
PRO O    O N N 273 
PRO CB   C N N 274 
PRO CG   C N N 275 
PRO CD   C N N 276 
PRO OXT  O N N 277 
PRO H    H N N 278 
PRO HA   H N N 279 
PRO HB2  H N N 280 
PRO HB3  H N N 281 
PRO HG2  H N N 282 
PRO HG3  H N N 283 
PRO HD2  H N N 284 
PRO HD3  H N N 285 
PRO HXT  H N N 286 
SER N    N N N 287 
SER CA   C N S 288 
SER C    C N N 289 
SER O    O N N 290 
SER CB   C N N 291 
SER OG   O N N 292 
SER OXT  O N N 293 
SER H    H N N 294 
SER H2   H N N 295 
SER HA   H N N 296 
SER HB2  H N N 297 
SER HB3  H N N 298 
SER HG   H N N 299 
SER HXT  H N N 300 
THR N    N N N 301 
THR CA   C N S 302 
THR C    C N N 303 
THR O    O N N 304 
THR CB   C N R 305 
THR OG1  O N N 306 
THR CG2  C N N 307 
THR OXT  O N N 308 
THR H    H N N 309 
THR H2   H N N 310 
THR HA   H N N 311 
THR HB   H N N 312 
THR HG1  H N N 313 
THR HG21 H N N 314 
THR HG22 H N N 315 
THR HG23 H N N 316 
THR HXT  H N N 317 
TRP N    N N N 318 
TRP CA   C N S 319 
TRP C    C N N 320 
TRP O    O N N 321 
TRP CB   C N N 322 
TRP CG   C Y N 323 
TRP CD1  C Y N 324 
TRP CD2  C Y N 325 
TRP NE1  N Y N 326 
TRP CE2  C Y N 327 
TRP CE3  C Y N 328 
TRP CZ2  C Y N 329 
TRP CZ3  C Y N 330 
TRP CH2  C Y N 331 
TRP OXT  O N N 332 
TRP H    H N N 333 
TRP H2   H N N 334 
TRP HA   H N N 335 
TRP HB2  H N N 336 
TRP HB3  H N N 337 
TRP HD1  H N N 338 
TRP HE1  H N N 339 
TRP HE3  H N N 340 
TRP HZ2  H N N 341 
TRP HZ3  H N N 342 
TRP HH2  H N N 343 
TRP HXT  H N N 344 
TYR N    N N N 345 
TYR CA   C N S 346 
TYR C    C N N 347 
TYR O    O N N 348 
TYR CB   C N N 349 
TYR CG   C Y N 350 
TYR CD1  C Y N 351 
TYR CD2  C Y N 352 
TYR CE1  C Y N 353 
TYR CE2  C Y N 354 
TYR CZ   C Y N 355 
TYR OH   O N N 356 
TYR OXT  O N N 357 
TYR H    H N N 358 
TYR H2   H N N 359 
TYR HA   H N N 360 
TYR HB2  H N N 361 
TYR HB3  H N N 362 
TYR HD1  H N N 363 
TYR HD2  H N N 364 
TYR HE1  H N N 365 
TYR HE2  H N N 366 
TYR HH   H N N 367 
TYR HXT  H N N 368 
VAL N    N N N 369 
VAL CA   C N S 370 
VAL C    C N N 371 
VAL O    O N N 372 
VAL CB   C N N 373 
VAL CG1  C N N 374 
VAL CG2  C N N 375 
VAL OXT  O N N 376 
VAL H    H N N 377 
VAL H2   H N N 378 
VAL HA   H N N 379 
VAL HB   H N N 380 
VAL HG11 H N N 381 
VAL HG12 H N N 382 
VAL HG13 H N N 383 
VAL HG21 H N N 384 
VAL HG22 H N N 385 
VAL HG23 H N N 386 
VAL HXT  H N N 387 
# 
loop_
_chem_comp_bond.comp_id 
_chem_comp_bond.atom_id_1 
_chem_comp_bond.atom_id_2 
_chem_comp_bond.value_order 
_chem_comp_bond.pdbx_aromatic_flag 
_chem_comp_bond.pdbx_stereo_config 
_chem_comp_bond.pdbx_ordinal 
ALA N   CA   sing N N 1   
ALA N   H    sing N N 2   
ALA N   H2   sing N N 3   
ALA CA  C    sing N N 4   
ALA CA  CB   sing N N 5   
ALA CA  HA   sing N N 6   
ALA C   O    doub N N 7   
ALA C   OXT  sing N N 8   
ALA CB  HB1  sing N N 9   
ALA CB  HB2  sing N N 10  
ALA CB  HB3  sing N N 11  
ALA OXT HXT  sing N N 12  
ARG N   CA   sing N N 13  
ARG N   H    sing N N 14  
ARG N   H2   sing N N 15  
ARG CA  C    sing N N 16  
ARG CA  CB   sing N N 17  
ARG CA  HA   sing N N 18  
ARG C   O    doub N N 19  
ARG C   OXT  sing N N 20  
ARG CB  CG   sing N N 21  
ARG CB  HB2  sing N N 22  
ARG CB  HB3  sing N N 23  
ARG CG  CD   sing N N 24  
ARG CG  HG2  sing N N 25  
ARG CG  HG3  sing N N 26  
ARG CD  NE   sing N N 27  
ARG CD  HD2  sing N N 28  
ARG CD  HD3  sing N N 29  
ARG NE  CZ   sing N N 30  
ARG NE  HE   sing N N 31  
ARG CZ  NH1  sing N N 32  
ARG CZ  NH2  doub N N 33  
ARG NH1 HH11 sing N N 34  
ARG NH1 HH12 sing N N 35  
ARG NH2 HH21 sing N N 36  
ARG NH2 HH22 sing N N 37  
ARG OXT HXT  sing N N 38  
ASN N   CA   sing N N 39  
ASN N   H    sing N N 40  
ASN N   H2   sing N N 41  
ASN CA  C    sing N N 42  
ASN CA  CB   sing N N 43  
ASN CA  HA   sing N N 44  
ASN C   O    doub N N 45  
ASN C   OXT  sing N N 46  
ASN CB  CG   sing N N 47  
ASN CB  HB2  sing N N 48  
ASN CB  HB3  sing N N 49  
ASN CG  OD1  doub N N 50  
ASN CG  ND2  sing N N 51  
ASN ND2 HD21 sing N N 52  
ASN ND2 HD22 sing N N 53  
ASN OXT HXT  sing N N 54  
ASP N   CA   sing N N 55  
ASP N   H    sing N N 56  
ASP N   H2   sing N N 57  
ASP CA  C    sing N N 58  
ASP CA  CB   sing N N 59  
ASP CA  HA   sing N N 60  
ASP C   O    doub N N 61  
ASP C   OXT  sing N N 62  
ASP CB  CG   sing N N 63  
ASP CB  HB2  sing N N 64  
ASP CB  HB3  sing N N 65  
ASP CG  OD1  doub N N 66  
ASP CG  OD2  sing N N 67  
ASP OD2 HD2  sing N N 68  
ASP OXT HXT  sing N N 69  
CYS N   CA   sing N N 70  
CYS N   H    sing N N 71  
CYS N   H2   sing N N 72  
CYS CA  C    sing N N 73  
CYS CA  CB   sing N N 74  
CYS CA  HA   sing N N 75  
CYS C   O    doub N N 76  
CYS C   OXT  sing N N 77  
CYS CB  SG   sing N N 78  
CYS CB  HB2  sing N N 79  
CYS CB  HB3  sing N N 80  
CYS SG  HG   sing N N 81  
CYS OXT HXT  sing N N 82  
GLN N   CA   sing N N 83  
GLN N   H    sing N N 84  
GLN N   H2   sing N N 85  
GLN CA  C    sing N N 86  
GLN CA  CB   sing N N 87  
GLN CA  HA   sing N N 88  
GLN C   O    doub N N 89  
GLN C   OXT  sing N N 90  
GLN CB  CG   sing N N 91  
GLN CB  HB2  sing N N 92  
GLN CB  HB3  sing N N 93  
GLN CG  CD   sing N N 94  
GLN CG  HG2  sing N N 95  
GLN CG  HG3  sing N N 96  
GLN CD  OE1  doub N N 97  
GLN CD  NE2  sing N N 98  
GLN NE2 HE21 sing N N 99  
GLN NE2 HE22 sing N N 100 
GLN OXT HXT  sing N N 101 
GLU N   CA   sing N N 102 
GLU N   H    sing N N 103 
GLU N   H2   sing N N 104 
GLU CA  C    sing N N 105 
GLU CA  CB   sing N N 106 
GLU CA  HA   sing N N 107 
GLU C   O    doub N N 108 
GLU C   OXT  sing N N 109 
GLU CB  CG   sing N N 110 
GLU CB  HB2  sing N N 111 
GLU CB  HB3  sing N N 112 
GLU CG  CD   sing N N 113 
GLU CG  HG2  sing N N 114 
GLU CG  HG3  sing N N 115 
GLU CD  OE1  doub N N 116 
GLU CD  OE2  sing N N 117 
GLU OE2 HE2  sing N N 118 
GLU OXT HXT  sing N N 119 
GLY N   CA   sing N N 120 
GLY N   H    sing N N 121 
GLY N   H2   sing N N 122 
GLY CA  C    sing N N 123 
GLY CA  HA2  sing N N 124 
GLY CA  HA3  sing N N 125 
GLY C   O    doub N N 126 
GLY C   OXT  sing N N 127 
GLY OXT HXT  sing N N 128 
HIS N   CA   sing N N 129 
HIS N   H    sing N N 130 
HIS N   H2   sing N N 131 
HIS CA  C    sing N N 132 
HIS CA  CB   sing N N 133 
HIS CA  HA   sing N N 134 
HIS C   O    doub N N 135 
HIS C   OXT  sing N N 136 
HIS CB  CG   sing N N 137 
HIS CB  HB2  sing N N 138 
HIS CB  HB3  sing N N 139 
HIS CG  ND1  sing Y N 140 
HIS CG  CD2  doub Y N 141 
HIS ND1 CE1  doub Y N 142 
HIS ND1 HD1  sing N N 143 
HIS CD2 NE2  sing Y N 144 
HIS CD2 HD2  sing N N 145 
HIS CE1 NE2  sing Y N 146 
HIS CE1 HE1  sing N N 147 
HIS NE2 HE2  sing N N 148 
HIS OXT HXT  sing N N 149 
ILE N   CA   sing N N 150 
ILE N   H    sing N N 151 
ILE N   H2   sing N N 152 
ILE CA  C    sing N N 153 
ILE CA  CB   sing N N 154 
ILE CA  HA   sing N N 155 
ILE C   O    doub N N 156 
ILE C   OXT  sing N N 157 
ILE CB  CG1  sing N N 158 
ILE CB  CG2  sing N N 159 
ILE CB  HB   sing N N 160 
ILE CG1 CD1  sing N N 161 
ILE CG1 HG12 sing N N 162 
ILE CG1 HG13 sing N N 163 
ILE CG2 HG21 sing N N 164 
ILE CG2 HG22 sing N N 165 
ILE CG2 HG23 sing N N 166 
ILE CD1 HD11 sing N N 167 
ILE CD1 HD12 sing N N 168 
ILE CD1 HD13 sing N N 169 
ILE OXT HXT  sing N N 170 
LEU N   CA   sing N N 171 
LEU N   H    sing N N 172 
LEU N   H2   sing N N 173 
LEU CA  C    sing N N 174 
LEU CA  CB   sing N N 175 
LEU CA  HA   sing N N 176 
LEU C   O    doub N N 177 
LEU C   OXT  sing N N 178 
LEU CB  CG   sing N N 179 
LEU CB  HB2  sing N N 180 
LEU CB  HB3  sing N N 181 
LEU CG  CD1  sing N N 182 
LEU CG  CD2  sing N N 183 
LEU CG  HG   sing N N 184 
LEU CD1 HD11 sing N N 185 
LEU CD1 HD12 sing N N 186 
LEU CD1 HD13 sing N N 187 
LEU CD2 HD21 sing N N 188 
LEU CD2 HD22 sing N N 189 
LEU CD2 HD23 sing N N 190 
LEU OXT HXT  sing N N 191 
LYS N   CA   sing N N 192 
LYS N   H    sing N N 193 
LYS N   H2   sing N N 194 
LYS CA  C    sing N N 195 
LYS CA  CB   sing N N 196 
LYS CA  HA   sing N N 197 
LYS C   O    doub N N 198 
LYS C   OXT  sing N N 199 
LYS CB  CG   sing N N 200 
LYS CB  HB2  sing N N 201 
LYS CB  HB3  sing N N 202 
LYS CG  CD   sing N N 203 
LYS CG  HG2  sing N N 204 
LYS CG  HG3  sing N N 205 
LYS CD  CE   sing N N 206 
LYS CD  HD2  sing N N 207 
LYS CD  HD3  sing N N 208 
LYS CE  NZ   sing N N 209 
LYS CE  HE2  sing N N 210 
LYS CE  HE3  sing N N 211 
LYS NZ  HZ1  sing N N 212 
LYS NZ  HZ2  sing N N 213 
LYS NZ  HZ3  sing N N 214 
LYS OXT HXT  sing N N 215 
MET N   CA   sing N N 216 
MET N   H    sing N N 217 
MET N   H2   sing N N 218 
MET CA  C    sing N N 219 
MET CA  CB   sing N N 220 
MET CA  HA   sing N N 221 
MET C   O    doub N N 222 
MET C   OXT  sing N N 223 
MET CB  CG   sing N N 224 
MET CB  HB2  sing N N 225 
MET CB  HB3  sing N N 226 
MET CG  SD   sing N N 227 
MET CG  HG2  sing N N 228 
MET CG  HG3  sing N N 229 
MET SD  CE   sing N N 230 
MET CE  HE1  sing N N 231 
MET CE  HE2  sing N N 232 
MET CE  HE3  sing N N 233 
MET OXT HXT  sing N N 234 
PHE N   CA   sing N N 235 
PHE N   H    sing N N 236 
PHE N   H2   sing N N 237 
PHE CA  C    sing N N 238 
PHE CA  CB   sing N N 239 
PHE CA  HA   sing N N 240 
PHE C   O    doub N N 241 
PHE C   OXT  sing N N 242 
PHE CB  CG   sing N N 243 
PHE CB  HB2  sing N N 244 
PHE CB  HB3  sing N N 245 
PHE CG  CD1  doub Y N 246 
PHE CG  CD2  sing Y N 247 
PHE CD1 CE1  sing Y N 248 
PHE CD1 HD1  sing N N 249 
PHE CD2 CE2  doub Y N 250 
PHE CD2 HD2  sing N N 251 
PHE CE1 CZ   doub Y N 252 
PHE CE1 HE1  sing N N 253 
PHE CE2 CZ   sing Y N 254 
PHE CE2 HE2  sing N N 255 
PHE CZ  HZ   sing N N 256 
PHE OXT HXT  sing N N 257 
PRO N   CA   sing N N 258 
PRO N   CD   sing N N 259 
PRO N   H    sing N N 260 
PRO CA  C    sing N N 261 
PRO CA  CB   sing N N 262 
PRO CA  HA   sing N N 263 
PRO C   O    doub N N 264 
PRO C   OXT  sing N N 265 
PRO CB  CG   sing N N 266 
PRO CB  HB2  sing N N 267 
PRO CB  HB3  sing N N 268 
PRO CG  CD   sing N N 269 
PRO CG  HG2  sing N N 270 
PRO CG  HG3  sing N N 271 
PRO CD  HD2  sing N N 272 
PRO CD  HD3  sing N N 273 
PRO OXT HXT  sing N N 274 
SER N   CA   sing N N 275 
SER N   H    sing N N 276 
SER N   H2   sing N N 277 
SER CA  C    sing N N 278 
SER CA  CB   sing N N 279 
SER CA  HA   sing N N 280 
SER C   O    doub N N 281 
SER C   OXT  sing N N 282 
SER CB  OG   sing N N 283 
SER CB  HB2  sing N N 284 
SER CB  HB3  sing N N 285 
SER OG  HG   sing N N 286 
SER OXT HXT  sing N N 287 
THR N   CA   sing N N 288 
THR N   H    sing N N 289 
THR N   H2   sing N N 290 
THR CA  C    sing N N 291 
THR CA  CB   sing N N 292 
THR CA  HA   sing N N 293 
THR C   O    doub N N 294 
THR C   OXT  sing N N 295 
THR CB  OG1  sing N N 296 
THR CB  CG2  sing N N 297 
THR CB  HB   sing N N 298 
THR OG1 HG1  sing N N 299 
THR CG2 HG21 sing N N 300 
THR CG2 HG22 sing N N 301 
THR CG2 HG23 sing N N 302 
THR OXT HXT  sing N N 303 
TRP N   CA   sing N N 304 
TRP N   H    sing N N 305 
TRP N   H2   sing N N 306 
TRP CA  C    sing N N 307 
TRP CA  CB   sing N N 308 
TRP CA  HA   sing N N 309 
TRP C   O    doub N N 310 
TRP C   OXT  sing N N 311 
TRP CB  CG   sing N N 312 
TRP CB  HB2  sing N N 313 
TRP CB  HB3  sing N N 314 
TRP CG  CD1  doub Y N 315 
TRP CG  CD2  sing Y N 316 
TRP CD1 NE1  sing Y N 317 
TRP CD1 HD1  sing N N 318 
TRP CD2 CE2  doub Y N 319 
TRP CD2 CE3  sing Y N 320 
TRP NE1 CE2  sing Y N 321 
TRP NE1 HE1  sing N N 322 
TRP CE2 CZ2  sing Y N 323 
TRP CE3 CZ3  doub Y N 324 
TRP CE3 HE3  sing N N 325 
TRP CZ2 CH2  doub Y N 326 
TRP CZ2 HZ2  sing N N 327 
TRP CZ3 CH2  sing Y N 328 
TRP CZ3 HZ3  sing N N 329 
TRP CH2 HH2  sing N N 330 
TRP OXT HXT  sing N N 331 
TYR N   CA   sing N N 332 
TYR N   H    sing N N 333 
TYR N   H2   sing N N 334 
TYR CA  C    sing N N 335 
TYR CA  CB   sing N N 336 
TYR CA  HA   sing N N 337 
TYR C   O    doub N N 338 
TYR C   OXT  sing N N 339 
TYR CB  CG   sing N N 340 
TYR CB  HB2  sing N N 341 
TYR CB  HB3  sing N N 342 
TYR CG  CD1  doub Y N 343 
TYR CG  CD2  sing Y N 344 
TYR CD1 CE1  sing Y N 345 
TYR CD1 HD1  sing N N 346 
TYR CD2 CE2  doub Y N 347 
TYR CD2 HD2  sing N N 348 
TYR CE1 CZ   doub Y N 349 
TYR CE1 HE1  sing N N 350 
TYR CE2 CZ   sing Y N 351 
TYR CE2 HE2  sing N N 352 
TYR CZ  OH   sing N N 353 
TYR OH  HH   sing N N 354 
TYR OXT HXT  sing N N 355 
VAL N   CA   sing N N 356 
VAL N   H    sing N N 357 
VAL N   H2   sing N N 358 
VAL CA  C    sing N N 359 
VAL CA  CB   sing N N 360 
VAL CA  HA   sing N N 361 
VAL C   O    doub N N 362 
VAL C   OXT  sing N N 363 
VAL CB  CG1  sing N N 364 
VAL CB  CG2  sing N N 365 
VAL CB  HB   sing N N 366 
VAL CG1 HG11 sing N N 367 
VAL CG1 HG12 sing N N 368 
VAL CG1 HG13 sing N N 369 
VAL CG2 HG21 sing N N 370 
VAL CG2 HG22 sing N N 371 
VAL CG2 HG23 sing N N 372 
VAL OXT HXT  sing N N 373 
# 
loop_
_pdbx_nmr_spectrometer.spectrometer_id 
_pdbx_nmr_spectrometer.model 
_pdbx_nmr_spectrometer.manufacturer 
_pdbx_nmr_spectrometer.field_strength 
1 UNITY500 Varian 500 
2 INOVA600 Varian 600 
3 DMX600   Bruker 600 
# 
_atom_sites.entry_id                    1BJ8 
_atom_sites.fract_transf_matrix[1][1]   1.000000 
_atom_sites.fract_transf_matrix[1][2]   0.000000 
_atom_sites.fract_transf_matrix[1][3]   0.000000 
_atom_sites.fract_transf_matrix[2][1]   0.000000 
_atom_sites.fract_transf_matrix[2][2]   1.000000 
_atom_sites.fract_transf_matrix[2][3]   0.000000 
_atom_sites.fract_transf_matrix[3][1]   0.000000 
_atom_sites.fract_transf_matrix[3][2]   0.000000 
_atom_sites.fract_transf_matrix[3][3]   1.000000 
_atom_sites.fract_transf_vector[1]      0.00000 
_atom_sites.fract_transf_vector[2]      0.00000 
_atom_sites.fract_transf_vector[3]      0.00000 
# 
loop_
_atom_type.symbol 
C 
N 
O 
S 
# 
loop_
_atom_site.group_PDB 
_atom_site.id 
_atom_site.type_symbol 
_atom_site.label_atom_id 
_atom_site.label_alt_id 
_atom_site.label_comp_id 
_atom_site.label_asym_id 
_atom_site.label_entity_id 
_atom_site.label_seq_id 
_atom_site.pdbx_PDB_ins_code 
_atom_site.Cartn_x 
_atom_site.Cartn_y 
_atom_site.Cartn_z 
_atom_site.occupancy 
_atom_site.B_iso_or_equiv 
_atom_site.pdbx_formal_charge 
_atom_site.auth_seq_id 
_atom_site.auth_comp_id 
_atom_site.auth_asym_id 
_atom_site.auth_atom_id 
_atom_site.pdbx_PDB_model_num 
ATOM 1   N N   . MET A 1 1   ? -10.335 -23.400 12.657  1.00 12.00 ? 1   MET A N   1 
ATOM 2   C CA  . MET A 1 1   ? -10.572 -24.379 11.564  1.00 12.00 ? 1   MET A CA  1 
ATOM 3   C C   . MET A 1 1   ? -9.558  -24.321 10.395  1.00 12.00 ? 1   MET A C   1 
ATOM 4   O O   . MET A 1 1   ? -9.437  -25.258 9.600   1.00 12.00 ? 1   MET A O   1 
ATOM 5   C CB  . MET A 1 1   ? -11.976 -24.188 10.965  1.00 12.00 ? 1   MET A CB  1 
ATOM 6   C CG  . MET A 1 1   ? -13.115 -24.092 11.992  1.00 12.00 ? 1   MET A CG  1 
ATOM 7   S SD  . MET A 1 1   ? -13.232 -25.504 13.151  1.00 12.00 ? 1   MET A SD  1 
ATOM 8   C CE  . MET A 1 1   ? -14.403 -24.833 14.301  1.00 12.00 ? 1   MET A CE  1 
ATOM 9   N N   . ASP A 1 2   ? -8.857  -23.203 10.321  1.00 12.00 ? 2   ASP A N   1 
ATOM 10  C CA  . ASP A 1 2   ? -7.944  -22.860 9.204   1.00 12.00 ? 2   ASP A CA  1 
ATOM 11  C C   . ASP A 1 2   ? -6.508  -22.515 9.651   1.00 12.00 ? 2   ASP A C   1 
ATOM 12  O O   . ASP A 1 2   ? -5.783  -23.411 10.071  1.00 12.00 ? 2   ASP A O   1 
ATOM 13  C CB  . ASP A 1 2   ? -8.613  -21.767 8.360   1.00 12.00 ? 2   ASP A CB  1 
ATOM 14  C CG  . ASP A 1 2   ? -9.806  -22.272 7.536   1.00 12.00 ? 2   ASP A CG  1 
ATOM 15  O OD1 . ASP A 1 2   ? -10.907 -22.384 8.131   1.00 12.00 ? 2   ASP A OD1 1 
ATOM 16  O OD2 . ASP A 1 2   ? -9.625  -22.372 6.309   1.00 12.00 ? 2   ASP A OD2 1 
ATOM 17  N N   . LYS A 1 3   ? -6.154  -21.238 9.667   1.00 12.00 ? 3   LYS A N   1 
ATOM 18  C CA  . LYS A 1 3   ? -4.767  -20.755 9.907   1.00 12.00 ? 3   LYS A CA  1 
ATOM 19  C C   . LYS A 1 3   ? -4.760  -19.669 11.003  1.00 12.00 ? 3   LYS A C   1 
ATOM 20  O O   . LYS A 1 3   ? -5.772  -19.423 11.659  1.00 12.00 ? 3   LYS A O   1 
ATOM 21  C CB  . LYS A 1 3   ? -4.114  -20.181 8.625   1.00 12.00 ? 3   LYS A CB  1 
ATOM 22  C CG  . LYS A 1 3   ? -4.579  -20.712 7.258   1.00 12.00 ? 3   LYS A CG  1 
ATOM 23  C CD  . LYS A 1 3   ? -5.768  -19.886 6.758   1.00 12.00 ? 3   LYS A CD  1 
ATOM 24  C CE  . LYS A 1 3   ? -6.315  -20.415 5.439   1.00 12.00 ? 3   LYS A CE  1 
ATOM 25  N NZ  . LYS A 1 3   ? -7.508  -19.653 5.075   1.00 12.00 ? 3   LYS A NZ  1 
ATOM 26  N N   . VAL A 1 4   ? -3.606  -19.011 11.154  1.00 12.00 ? 4   VAL A N   1 
ATOM 27  C CA  . VAL A 1 4   ? -3.399  -17.830 12.016  1.00 12.00 ? 4   VAL A CA  1 
ATOM 28  C C   . VAL A 1 4   ? -2.745  -16.714 11.165  1.00 12.00 ? 4   VAL A C   1 
ATOM 29  O O   . VAL A 1 4   ? -1.782  -16.975 10.452  1.00 12.00 ? 4   VAL A O   1 
ATOM 30  C CB  . VAL A 1 4   ? -2.578  -18.221 13.268  1.00 12.00 ? 4   VAL A CB  1 
ATOM 31  C CG1 . VAL A 1 4   ? -1.195  -18.834 12.959  1.00 12.00 ? 4   VAL A CG1 1 
ATOM 32  C CG2 . VAL A 1 4   ? -2.431  -17.042 14.244  1.00 12.00 ? 4   VAL A CG2 1 
ATOM 33  N N   . LYS A 1 5   ? -3.384  -15.540 11.164  1.00 12.00 ? 5   LYS A N   1 
ATOM 34  C CA  . LYS A 1 5   ? -2.947  -14.382 10.343  1.00 12.00 ? 5   LYS A CA  1 
ATOM 35  C C   . LYS A 1 5   ? -3.425  -13.010 10.878  1.00 12.00 ? 5   LYS A C   1 
ATOM 36  O O   . LYS A 1 5   ? -4.571  -12.908 11.323  1.00 12.00 ? 5   LYS A O   1 
ATOM 37  C CB  . LYS A 1 5   ? -3.334  -14.572 8.863   1.00 12.00 ? 5   LYS A CB  1 
ATOM 38  C CG  . LYS A 1 5   ? -4.827  -14.855 8.636   1.00 12.00 ? 5   LYS A CG  1 
ATOM 39  C CD  . LYS A 1 5   ? -5.065  -15.354 7.219   1.00 12.00 ? 5   LYS A CD  1 
ATOM 40  C CE  . LYS A 1 5   ? -6.535  -15.740 7.047   1.00 12.00 ? 5   LYS A CE  1 
ATOM 41  N NZ  . LYS A 1 5   ? -6.729  -16.343 5.721   1.00 12.00 ? 5   LYS A NZ  1 
ATOM 42  N N   . PRO A 1 6   ? -2.542  -11.990 10.889  1.00 12.00 ? 6   PRO A N   1 
ATOM 43  C CA  . PRO A 1 6   ? -2.921  -10.620 11.290  1.00 12.00 ? 6   PRO A CA  1 
ATOM 44  C C   . PRO A 1 6   ? -3.652  -9.844  10.187  1.00 12.00 ? 6   PRO A C   1 
ATOM 45  O O   . PRO A 1 6   ? -3.057  -9.071  9.440   1.00 12.00 ? 6   PRO A O   1 
ATOM 46  C CB  . PRO A 1 6   ? -1.584  -9.976  11.708  1.00 12.00 ? 6   PRO A CB  1 
ATOM 47  C CG  . PRO A 1 6   ? -0.553  -10.688 10.832  1.00 12.00 ? 6   PRO A CG  1 
ATOM 48  C CD  . PRO A 1 6   ? -1.080  -12.120 10.772  1.00 12.00 ? 6   PRO A CD  1 
ATOM 49  N N   . ASN A 1 7   ? -4.936  -10.206 10.057  1.00 12.00 ? 7   ASN A N   1 
ATOM 50  C CA  . ASN A 1 7   ? -5.989  -9.619  9.177   1.00 12.00 ? 7   ASN A CA  1 
ATOM 51  C C   . ASN A 1 7   ? -5.617  -8.484  8.184   1.00 12.00 ? 7   ASN A C   1 
ATOM 52  O O   . ASN A 1 7   ? -4.961  -7.528  8.572   1.00 12.00 ? 7   ASN A O   1 
ATOM 53  C CB  . ASN A 1 7   ? -7.175  -9.210  10.065  1.00 12.00 ? 7   ASN A CB  1 
ATOM 54  C CG  . ASN A 1 7   ? -7.776  -10.416 10.804  1.00 12.00 ? 7   ASN A CG  1 
ATOM 55  O OD1 . ASN A 1 7   ? -7.785  -11.541 10.340  1.00 12.00 ? 7   ASN A OD1 1 
ATOM 56  N ND2 . ASN A 1 7   ? -8.191  -10.190 12.019  1.00 12.00 ? 7   ASN A ND2 1 
ATOM 57  N N   . PRO A 1 8   ? -6.140  -8.527  6.943   1.00 12.00 ? 8   PRO A N   1 
ATOM 58  C CA  . PRO A 1 8   ? -5.774  -7.580  5.865   1.00 12.00 ? 8   PRO A CA  1 
ATOM 59  C C   . PRO A 1 8   ? -5.824  -6.089  6.256   1.00 12.00 ? 8   PRO A C   1 
ATOM 60  O O   . PRO A 1 8   ? -6.744  -5.682  6.972   1.00 12.00 ? 8   PRO A O   1 
ATOM 61  C CB  . PRO A 1 8   ? -6.801  -7.850  4.756   1.00 12.00 ? 8   PRO A CB  1 
ATOM 62  C CG  . PRO A 1 8   ? -7.125  -9.326  4.940   1.00 12.00 ? 8   PRO A CG  1 
ATOM 63  C CD  . PRO A 1 8   ? -7.123  -9.515  6.452   1.00 12.00 ? 8   PRO A CD  1 
ATOM 64  N N   . PRO A 1 9   ? -4.837  -5.298  5.811   1.00 12.00 ? 9   PRO A N   1 
ATOM 65  C CA  . PRO A 1 9   ? -4.869  -3.822  5.932   1.00 12.00 ? 9   PRO A CA  1 
ATOM 66  C C   . PRO A 1 9   ? -5.737  -3.249  4.790   1.00 12.00 ? 9   PRO A C   1 
ATOM 67  O O   . PRO A 1 9   ? -5.288  -2.502  3.928   1.00 12.00 ? 9   PRO A O   1 
ATOM 68  C CB  . PRO A 1 9   ? -3.399  -3.411  5.862   1.00 12.00 ? 9   PRO A CB  1 
ATOM 69  C CG  . PRO A 1 9   ? -2.783  -4.454  4.938   1.00 12.00 ? 9   PRO A CG  1 
ATOM 70  C CD  . PRO A 1 9   ? -3.537  -5.744  5.282   1.00 12.00 ? 9   PRO A CD  1 
ATOM 71  N N   . HIS A 1 10  ? -7.016  -3.556  4.927   1.00 12.00 ? 10  HIS A N   1 
ATOM 72  C CA  . HIS A 1 10  ? -8.073  -3.451  3.896   1.00 12.00 ? 10  HIS A CA  1 
ATOM 73  C C   . HIS A 1 10  ? -8.433  -2.001  3.498   1.00 12.00 ? 10  HIS A C   1 
ATOM 74  O O   . HIS A 1 10  ? -7.731  -1.068  3.880   1.00 12.00 ? 10  HIS A O   1 
ATOM 75  C CB  . HIS A 1 10  ? -9.291  -4.250  4.390   1.00 12.00 ? 10  HIS A CB  1 
ATOM 76  C CG  . HIS A 1 10  ? -9.773  -3.853  5.797   1.00 12.00 ? 10  HIS A CG  1 
ATOM 77  N ND1 . HIS A 1 10  ? -9.286  -4.302  6.956   1.00 12.00 ? 10  HIS A ND1 1 
ATOM 78  C CD2 . HIS A 1 10  ? -10.676 -2.928  6.076   1.00 12.00 ? 10  HIS A CD2 1 
ATOM 79  C CE1 . HIS A 1 10  ? -9.878  -3.633  7.945   1.00 12.00 ? 10  HIS A CE1 1 
ATOM 80  N NE2 . HIS A 1 10  ? -10.736 -2.782  7.392   1.00 12.00 ? 10  HIS A NE2 1 
ATOM 81  N N   . ASN A 1 11  ? -9.456  -1.838  2.661   1.00 12.00 ? 11  ASN A N   1 
ATOM 82  C CA  . ASN A 1 11  ? -9.947  -0.535  2.151   1.00 12.00 ? 11  ASN A CA  1 
ATOM 83  C C   . ASN A 1 11  ? -8.861  0.331   1.486   1.00 12.00 ? 11  ASN A C   1 
ATOM 84  O O   . ASN A 1 11  ? -8.740  1.540   1.701   1.00 12.00 ? 11  ASN A O   1 
ATOM 85  C CB  . ASN A 1 11  ? -10.702 0.237   3.247   1.00 12.00 ? 11  ASN A CB  1 
ATOM 86  C CG  . ASN A 1 11  ? -11.958 -0.481  3.741   1.00 12.00 ? 11  ASN A CG  1 
ATOM 87  O OD1 . ASN A 1 11  ? -12.663 -1.181  3.023   1.00 12.00 ? 11  ASN A OD1 1 
ATOM 88  N ND2 . ASN A 1 11  ? -12.193 -0.428  5.029   1.00 12.00 ? 11  ASN A ND2 1 
ATOM 89  N N   . LEU A 1 12  ? -8.146  -0.321  0.572   1.00 12.00 ? 12  LEU A N   1 
ATOM 90  C CA  . LEU A 1 12  ? -7.003  0.256   -0.152  1.00 12.00 ? 12  LEU A CA  1 
ATOM 91  C C   . LEU A 1 12  ? -7.451  1.150   -1.327  1.00 12.00 ? 12  LEU A C   1 
ATOM 92  O O   . LEU A 1 12  ? -8.013  0.674   -2.315  1.00 12.00 ? 12  LEU A O   1 
ATOM 93  C CB  . LEU A 1 12  ? -6.088  -0.889  -0.606  1.00 12.00 ? 12  LEU A CB  1 
ATOM 94  C CG  . LEU A 1 12  ? -4.735  -0.369  -1.091  1.00 12.00 ? 12  LEU A CG  1 
ATOM 95  C CD1 . LEU A 1 12  ? -3.909  0.202   0.055   1.00 12.00 ? 12  LEU A CD1 1 
ATOM 96  C CD2 . LEU A 1 12  ? -3.960  -1.503  -1.786  1.00 12.00 ? 12  LEU A CD2 1 
ATOM 97  N N   . SER A 1 13  ? -7.271  2.453   -1.129  1.00 12.00 ? 13  SER A N   1 
ATOM 98  C CA  . SER A 1 13  ? -7.627  3.494   -2.118  1.00 12.00 ? 13  SER A CA  1 
ATOM 99  C C   . SER A 1 13  ? -6.443  4.377   -2.501  1.00 12.00 ? 13  SER A C   1 
ATOM 100 O O   . SER A 1 13  ? -5.646  4.778   -1.655  1.00 12.00 ? 13  SER A O   1 
ATOM 101 C CB  . SER A 1 13  ? -8.778  4.366   -1.591  1.00 12.00 ? 13  SER A CB  1 
ATOM 102 O OG  . SER A 1 13  ? -9.191  5.288   -2.606  1.00 12.00 ? 13  SER A OG  1 
ATOM 103 N N   . VAL A 1 14  ? -6.483  4.829   -3.745  1.00 12.00 ? 14  VAL A N   1 
ATOM 104 C CA  . VAL A 1 14  ? -5.406  5.595   -4.412  1.00 12.00 ? 14  VAL A CA  1 
ATOM 105 C C   . VAL A 1 14  ? -5.698  7.106   -4.599  1.00 12.00 ? 14  VAL A C   1 
ATOM 106 O O   . VAL A 1 14  ? -5.186  7.725   -5.524  1.00 12.00 ? 14  VAL A O   1 
ATOM 107 C CB  . VAL A 1 14  ? -5.092  4.983   -5.790  1.00 12.00 ? 14  VAL A CB  1 
ATOM 108 C CG1 . VAL A 1 14  ? -4.223  3.726   -5.672  1.00 12.00 ? 14  VAL A CG1 1 
ATOM 109 C CG2 . VAL A 1 14  ? -6.355  4.731   -6.640  1.00 12.00 ? 14  VAL A CG2 1 
ATOM 110 N N   . ILE A 1 15  ? -6.458  7.674   -3.673  1.00 12.00 ? 15  ILE A N   1 
ATOM 111 C CA  . ILE A 1 15  ? -6.971  9.068   -3.760  1.00 12.00 ? 15  ILE A CA  1 
ATOM 112 C C   . ILE A 1 15  ? -5.901  10.126  -4.142  1.00 12.00 ? 15  ILE A C   1 
ATOM 113 O O   . ILE A 1 15  ? -4.872  10.282  -3.492  1.00 12.00 ? 15  ILE A O   1 
ATOM 114 C CB  . ILE A 1 15  ? -7.755  9.485   -2.507  1.00 12.00 ? 15  ILE A CB  1 
ATOM 115 C CG1 . ILE A 1 15  ? -6.972  9.238   -1.194  1.00 12.00 ? 15  ILE A CG1 1 
ATOM 116 C CG2 . ILE A 1 15  ? -9.124  8.794   -2.519  1.00 12.00 ? 15  ILE A CG2 1 
ATOM 117 C CD1 . ILE A 1 15  ? -7.536  9.976   0.017   1.00 12.00 ? 15  ILE A CD1 1 
ATOM 118 N N   . ASN A 1 16  ? -6.135  10.756  -5.293  1.00 12.00 ? 16  ASN A N   1 
ATOM 119 C CA  . ASN A 1 16  ? -5.211  11.768  -5.843  1.00 12.00 ? 16  ASN A CA  1 
ATOM 120 C C   . ASN A 1 16  ? -5.466  13.185  -5.308  1.00 12.00 ? 16  ASN A C   1 
ATOM 121 O O   . ASN A 1 16  ? -6.602  13.629  -5.148  1.00 12.00 ? 16  ASN A O   1 
ATOM 122 C CB  . ASN A 1 16  ? -5.192  11.753  -7.379  1.00 12.00 ? 16  ASN A CB  1 
ATOM 123 C CG  . ASN A 1 16  ? -6.561  11.618  -8.066  1.00 12.00 ? 16  ASN A CG  1 
ATOM 124 O OD1 . ASN A 1 16  ? -7.621  11.927  -7.530  1.00 12.00 ? 16  ASN A OD1 1 
ATOM 125 N ND2 . ASN A 1 16  ? -6.570  11.021  -9.239  1.00 12.00 ? 16  ASN A ND2 1 
ATOM 126 N N   . SER A 1 17  ? -4.355  13.860  -5.022  1.00 12.00 ? 17  SER A N   1 
ATOM 127 C CA  . SER A 1 17  ? -4.371  15.238  -4.491  1.00 12.00 ? 17  SER A CA  1 
ATOM 128 C C   . SER A 1 17  ? -4.585  16.245  -5.624  1.00 12.00 ? 17  SER A C   1 
ATOM 129 O O   . SER A 1 17  ? -3.634  16.695  -6.271  1.00 12.00 ? 17  SER A O   1 
ATOM 130 C CB  . SER A 1 17  ? -3.071  15.517  -3.724  1.00 12.00 ? 17  SER A CB  1 
ATOM 131 O OG  . SER A 1 17  ? -3.125  16.837  -3.169  1.00 12.00 ? 17  SER A OG  1 
ATOM 132 N N   . GLU A 1 18  ? -5.873  16.440  -5.923  1.00 12.00 ? 18  GLU A N   1 
ATOM 133 C CA  . GLU A 1 18  ? -6.480  17.250  -7.009  1.00 12.00 ? 18  GLU A CA  1 
ATOM 134 C C   . GLU A 1 18  ? -5.663  17.362  -8.328  1.00 12.00 ? 18  GLU A C   1 
ATOM 135 O O   . GLU A 1 18  ? -5.930  16.649  -9.282  1.00 12.00 ? 18  GLU A O   1 
ATOM 136 C CB  . GLU A 1 18  ? -6.951  18.610  -6.478  1.00 12.00 ? 18  GLU A CB  1 
ATOM 137 C CG  . GLU A 1 18  ? -7.933  19.303  -7.435  1.00 12.00 ? 18  GLU A CG  1 
ATOM 138 C CD  . GLU A 1 18  ? -8.445  20.673  -6.970  1.00 12.00 ? 18  GLU A CD  1 
ATOM 139 O OE1 . GLU A 1 18  ? -8.187  21.059  -5.812  1.00 12.00 ? 18  GLU A OE1 1 
ATOM 140 O OE2 . GLU A 1 18  ? -9.105  21.314  -7.818  1.00 12.00 ? 18  GLU A OE2 1 
ATOM 141 N N   . GLU A 1 19  ? -4.657  18.237  -8.314  1.00 12.00 ? 19  GLU A N   1 
ATOM 142 C CA  . GLU A 1 19  ? -3.838  18.583  -9.495  1.00 12.00 ? 19  GLU A CA  1 
ATOM 143 C C   . GLU A 1 19  ? -2.543  17.771  -9.694  1.00 12.00 ? 19  GLU A C   1 
ATOM 144 O O   . GLU A 1 19  ? -1.961  17.808  -10.774 1.00 12.00 ? 19  GLU A O   1 
ATOM 145 C CB  . GLU A 1 19  ? -3.483  20.067  -9.429  1.00 12.00 ? 19  GLU A CB  1 
ATOM 146 C CG  . GLU A 1 19  ? -4.701  20.972  -9.643  1.00 12.00 ? 19  GLU A CG  1 
ATOM 147 C CD  . GLU A 1 19  ? -4.334  22.440  -9.407  1.00 12.00 ? 19  GLU A CD  1 
ATOM 148 O OE1 . GLU A 1 19  ? -3.667  23.013  -10.292 1.00 12.00 ? 19  GLU A OE1 1 
ATOM 149 O OE2 . GLU A 1 19  ? -4.713  22.936  -8.320  1.00 12.00 ? 19  GLU A OE2 1 
ATOM 150 N N   . LEU A 1 20  ? -2.086  17.094  -8.640  1.00 12.00 ? 20  LEU A N   1 
ATOM 151 C CA  . LEU A 1 20  ? -0.756  16.443  -8.620  1.00 12.00 ? 20  LEU A CA  1 
ATOM 152 C C   . LEU A 1 20  ? -0.617  15.195  -9.498  1.00 12.00 ? 20  LEU A C   1 
ATOM 153 O O   . LEU A 1 20  ? -0.633  14.056  -9.043  1.00 12.00 ? 20  LEU A O   1 
ATOM 154 C CB  . LEU A 1 20  ? -0.295  16.189  -7.178  1.00 12.00 ? 20  LEU A CB  1 
ATOM 155 C CG  . LEU A 1 20  ? 0.006   17.488  -6.430  1.00 12.00 ? 20  LEU A CG  1 
ATOM 156 C CD1 . LEU A 1 20  ? 0.150   17.214  -4.930  1.00 12.00 ? 20  LEU A CD1 1 
ATOM 157 C CD2 . LEU A 1 20  ? 1.264   18.181  -6.968  1.00 12.00 ? 20  LEU A CD2 1 
ATOM 158 N N   . SER A 1 21  ? -0.249  15.477  -10.754 1.00 12.00 ? 21  SER A N   1 
ATOM 159 C CA  . SER A 1 21  ? 0.031   14.475  -11.804 1.00 12.00 ? 21  SER A CA  1 
ATOM 160 C C   . SER A 1 21  ? 1.350   13.701  -11.642 1.00 12.00 ? 21  SER A C   1 
ATOM 161 O O   . SER A 1 21  ? 1.816   13.025  -12.559 1.00 12.00 ? 21  SER A O   1 
ATOM 162 C CB  . SER A 1 21  ? 0.012   15.182  -13.162 1.00 12.00 ? 21  SER A CB  1 
ATOM 163 O OG  . SER A 1 21  ? -1.231  15.859  -13.316 1.00 12.00 ? 21  SER A OG  1 
ATOM 164 N N   . SER A 1 22  ? 1.891   13.737  -10.424 1.00 12.00 ? 22  SER A N   1 
ATOM 165 C CA  . SER A 1 22  ? 3.119   13.018  -10.026 1.00 12.00 ? 22  SER A CA  1 
ATOM 166 C C   . SER A 1 22  ? 2.916   12.139  -8.768  1.00 12.00 ? 22  SER A C   1 
ATOM 167 O O   . SER A 1 22  ? 3.818   11.385  -8.398  1.00 12.00 ? 22  SER A O   1 
ATOM 168 C CB  . SER A 1 22  ? 4.251   14.004  -9.752  1.00 12.00 ? 22  SER A CB  1 
ATOM 169 O OG  . SER A 1 22  ? 4.416   14.880  -10.860 1.00 12.00 ? 22  SER A OG  1 
ATOM 170 N N   . ILE A 1 23  ? 1.740   12.262  -8.130  1.00 12.00 ? 23  ILE A N   1 
ATOM 171 C CA  . ILE A 1 23  ? 1.461   11.713  -6.787  1.00 12.00 ? 23  ILE A CA  1 
ATOM 172 C C   . ILE A 1 23  ? 0.050   11.078  -6.722  1.00 12.00 ? 23  ILE A C   1 
ATOM 173 O O   . ILE A 1 23  ? -0.924  11.644  -7.207  1.00 12.00 ? 23  ILE A O   1 
ATOM 174 C CB  . ILE A 1 23  ? 1.606   12.840  -5.724  1.00 12.00 ? 23  ILE A CB  1 
ATOM 175 C CG1 . ILE A 1 23  ? 3.021   13.443  -5.725  1.00 12.00 ? 23  ILE A CG1 1 
ATOM 176 C CG2 . ILE A 1 23  ? 1.271   12.339  -4.299  1.00 12.00 ? 23  ILE A CG2 1 
ATOM 177 C CD1 . ILE A 1 23  ? 3.149   14.801  -5.034  1.00 12.00 ? 23  ILE A CD1 1 
ATOM 178 N N   . LEU A 1 24  ? 0.006   9.927   -6.056  1.00 12.00 ? 24  LEU A N   1 
ATOM 179 C CA  . LEU A 1 24  ? -1.241  9.305   -5.550  1.00 12.00 ? 24  LEU A CA  1 
ATOM 180 C C   . LEU A 1 24  ? -1.099  9.093   -4.034  1.00 12.00 ? 24  LEU A C   1 
ATOM 181 O O   . LEU A 1 24  ? -0.056  8.622   -3.576  1.00 12.00 ? 24  LEU A O   1 
ATOM 182 C CB  . LEU A 1 24  ? -1.543  7.922   -6.171  1.00 12.00 ? 24  LEU A CB  1 
ATOM 183 C CG  . LEU A 1 24  ? -2.047  7.861   -7.627  1.00 12.00 ? 24  LEU A CG  1 
ATOM 184 C CD1 . LEU A 1 24  ? -3.290  8.722   -7.875  1.00 12.00 ? 24  LEU A CD1 1 
ATOM 185 C CD2 . LEU A 1 24  ? -0.970  8.214   -8.635  1.00 12.00 ? 24  LEU A CD2 1 
ATOM 186 N N   . LYS A 1 25  ? -2.129  9.442   -3.267  1.00 12.00 ? 25  LYS A N   1 
ATOM 187 C CA  . LYS A 1 25  ? -2.128  9.116   -1.827  1.00 12.00 ? 25  LYS A CA  1 
ATOM 188 C C   . LYS A 1 25  ? -2.839  7.776   -1.623  1.00 12.00 ? 25  LYS A C   1 
ATOM 189 O O   . LYS A 1 25  ? -4.046  7.638   -1.788  1.00 12.00 ? 25  LYS A O   1 
ATOM 190 C CB  . LYS A 1 25  ? -2.754  10.203  -0.940  1.00 12.00 ? 25  LYS A CB  1 
ATOM 191 C CG  . LYS A 1 25  ? -2.557  9.833   0.533   1.00 12.00 ? 25  LYS A CG  1 
ATOM 192 C CD  . LYS A 1 25  ? -3.339  10.703  1.516   1.00 12.00 ? 25  LYS A CD  1 
ATOM 193 C CE  . LYS A 1 25  ? -2.717  12.084  1.717   1.00 12.00 ? 25  LYS A CE  1 
ATOM 194 N NZ  . LYS A 1 25  ? -3.415  12.733  2.840   1.00 12.00 ? 25  LYS A NZ  1 
ATOM 195 N N   . LEU A 1 26  ? -2.005  6.798   -1.294  1.00 12.00 ? 26  LEU A N   1 
ATOM 196 C CA  . LEU A 1 26  ? -2.468  5.443   -1.005  1.00 12.00 ? 26  LEU A CA  1 
ATOM 197 C C   . LEU A 1 26  ? -2.887  5.347   0.473   1.00 12.00 ? 26  LEU A C   1 
ATOM 198 O O   . LEU A 1 26  ? -2.090  5.572   1.372   1.00 12.00 ? 26  LEU A O   1 
ATOM 199 C CB  . LEU A 1 26  ? -1.331  4.464   -1.328  1.00 12.00 ? 26  LEU A CB  1 
ATOM 200 C CG  . LEU A 1 26  ? -1.829  3.017   -1.304  1.00 12.00 ? 26  LEU A CG  1 
ATOM 201 C CD1 . LEU A 1 26  ? -2.742  2.719   -2.502  1.00 12.00 ? 26  LEU A CD1 1 
ATOM 202 C CD2 . LEU A 1 26  ? -0.643  2.067   -1.312  1.00 12.00 ? 26  LEU A CD2 1 
ATOM 203 N N   . THR A 1 27  ? -4.203  5.262   0.651   1.00 12.00 ? 27  THR A N   1 
ATOM 204 C CA  . THR A 1 27  ? -4.849  5.127   1.977   1.00 12.00 ? 27  THR A CA  1 
ATOM 205 C C   . THR A 1 27  ? -5.434  3.720   2.165   1.00 12.00 ? 27  THR A C   1 
ATOM 206 O O   . THR A 1 27  ? -5.900  3.109   1.203   1.00 12.00 ? 27  THR A O   1 
ATOM 207 C CB  . THR A 1 27  ? -5.962  6.164   2.164   1.00 12.00 ? 27  THR A CB  1 
ATOM 208 O OG1 . THR A 1 27  ? -6.864  6.131   1.054   1.00 12.00 ? 27  THR A OG1 1 
ATOM 209 C CG2 . THR A 1 27  ? -5.406  7.565   2.390   1.00 12.00 ? 27  THR A CG2 1 
ATOM 210 N N   . TRP A 1 28  ? -5.286  3.212   3.383   1.00 12.00 ? 28  TRP A N   1 
ATOM 211 C CA  . TRP A 1 28  ? -5.796  1.893   3.794   1.00 12.00 ? 28  TRP A CA  1 
ATOM 212 C C   . TRP A 1 28  ? -6.235  1.873   5.271   1.00 12.00 ? 28  TRP A C   1 
ATOM 213 O O   . TRP A 1 28  ? -5.974  2.797   6.034   1.00 12.00 ? 28  TRP A O   1 
ATOM 214 C CB  . TRP A 1 28  ? -4.761  0.783   3.501   1.00 12.00 ? 28  TRP A CB  1 
ATOM 215 C CG  . TRP A 1 28  ? -3.424  0.906   4.256   1.00 12.00 ? 28  TRP A CG  1 
ATOM 216 C CD1 . TRP A 1 28  ? -3.131  0.267   5.387   1.00 12.00 ? 28  TRP A CD1 1 
ATOM 217 C CD2 . TRP A 1 28  ? -2.285  1.578   3.839   1.00 12.00 ? 28  TRP A CD2 1 
ATOM 218 N NE1 . TRP A 1 28  ? -1.858  0.503   5.712   1.00 12.00 ? 28  TRP A NE1 1 
ATOM 219 C CE2 . TRP A 1 28  ? -1.304  1.297   4.805   1.00 12.00 ? 28  TRP A CE2 1 
ATOM 220 C CE3 . TRP A 1 28  ? -1.963  2.350   2.700   1.00 12.00 ? 28  TRP A CE3 1 
ATOM 221 C CZ2 . TRP A 1 28  ? 0.004   1.801   4.672   1.00 12.00 ? 28  TRP A CZ2 1 
ATOM 222 C CZ3 . TRP A 1 28  ? -0.649  2.843   2.562   1.00 12.00 ? 28  TRP A CZ3 1 
ATOM 223 C CH2 . TRP A 1 28  ? 0.325   2.573   3.532   1.00 12.00 ? 28  TRP A CH2 1 
ATOM 224 N N   . THR A 1 29  ? -6.875  0.784   5.651   1.00 12.00 ? 29  THR A N   1 
ATOM 225 C CA  . THR A 1 29  ? -7.383  0.581   7.027   1.00 12.00 ? 29  THR A CA  1 
ATOM 226 C C   . THR A 1 29  ? -6.729  -0.646  7.655   1.00 12.00 ? 29  THR A C   1 
ATOM 227 O O   . THR A 1 29  ? -7.034  -1.794  7.316   1.00 12.00 ? 29  THR A O   1 
ATOM 228 C CB  . THR A 1 29  ? -8.915  0.457   7.022   1.00 12.00 ? 29  THR A CB  1 
ATOM 229 O OG1 . THR A 1 29  ? -9.476  1.520   6.242   1.00 12.00 ? 29  THR A OG1 1 
ATOM 230 C CG2 . THR A 1 29  ? -9.505  0.495   8.432   1.00 12.00 ? 29  THR A CG2 1 
ATOM 231 N N   . ASN A 1 30  ? -5.837  -0.354  8.594   1.00 12.00 ? 30  ASN A N   1 
ATOM 232 C CA  . ASN A 1 30  ? -5.140  -1.354  9.439   1.00 12.00 ? 30  ASN A CA  1 
ATOM 233 C C   . ASN A 1 30  ? -6.108  -2.382  10.077  1.00 12.00 ? 30  ASN A C   1 
ATOM 234 O O   . ASN A 1 30  ? -7.231  -1.983  10.394  1.00 12.00 ? 30  ASN A O   1 
ATOM 235 C CB  . ASN A 1 30  ? -4.315  -0.604  10.501  1.00 12.00 ? 30  ASN A CB  1 
ATOM 236 C CG  . ASN A 1 30  ? -5.044  0.497   11.285  1.00 12.00 ? 30  ASN A CG  1 
ATOM 237 O OD1 . ASN A 1 30  ? -4.704  1.671   11.188  1.00 12.00 ? 30  ASN A OD1 1 
ATOM 238 N ND2 . ASN A 1 30  ? -6.172  0.192   11.890  1.00 12.00 ? 30  ASN A ND2 1 
ATOM 239 N N   . PRO A 1 31  ? -5.672  -3.635  10.351  1.00 12.00 ? 31  PRO A N   1 
ATOM 240 C CA  . PRO A 1 31  ? -6.524  -4.745  10.842  1.00 12.00 ? 31  PRO A CA  1 
ATOM 241 C C   . PRO A 1 31  ? -7.663  -4.362  11.801  1.00 12.00 ? 31  PRO A C   1 
ATOM 242 O O   . PRO A 1 31  ? -8.822  -4.603  11.484  1.00 12.00 ? 31  PRO A O   1 
ATOM 243 C CB  . PRO A 1 31  ? -5.555  -5.695  11.550  1.00 12.00 ? 31  PRO A CB  1 
ATOM 244 C CG  . PRO A 1 31  ? -4.238  -5.512  10.810  1.00 12.00 ? 31  PRO A CG  1 
ATOM 245 C CD  . PRO A 1 31  ? -4.257  -4.066  10.314  1.00 12.00 ? 31  PRO A CD  1 
ATOM 246 N N   . SER A 1 32  ? -7.289  -3.690  12.891  1.00 12.00 ? 32  SER A N   1 
ATOM 247 C CA  . SER A 1 32  ? -8.154  -3.285  14.030  1.00 12.00 ? 32  SER A CA  1 
ATOM 248 C C   . SER A 1 32  ? -7.351  -2.615  15.153  1.00 12.00 ? 32  SER A C   1 
ATOM 249 O O   . SER A 1 32  ? -7.884  -1.794  15.908  1.00 12.00 ? 32  SER A O   1 
ATOM 250 C CB  . SER A 1 32  ? -8.907  -4.463  14.645  1.00 12.00 ? 32  SER A CB  1 
ATOM 251 O OG  . SER A 1 32  ? -7.986  -5.503  15.021  1.00 12.00 ? 32  SER A OG  1 
ATOM 252 N N   . ILE A 1 33  ? -6.128  -3.116  15.340  1.00 12.00 ? 33  ILE A N   1 
ATOM 253 C CA  . ILE A 1 33  ? -5.098  -2.646  16.297  1.00 12.00 ? 33  ILE A CA  1 
ATOM 254 C C   . ILE A 1 33  ? -5.061  -1.120  16.459  1.00 12.00 ? 33  ILE A C   1 
ATOM 255 O O   . ILE A 1 33  ? -5.138  -0.372  15.488  1.00 12.00 ? 33  ILE A O   1 
ATOM 256 C CB  . ILE A 1 33  ? -3.719  -3.225  15.871  1.00 12.00 ? 33  ILE A CB  1 
ATOM 257 C CG1 . ILE A 1 33  ? -3.788  -4.766  15.808  1.00 12.00 ? 33  ILE A CG1 1 
ATOM 258 C CG2 . ILE A 1 33  ? -2.586  -2.791  16.811  1.00 12.00 ? 33  ILE A CG2 1 
ATOM 259 C CD1 . ILE A 1 33  ? -2.677  -5.427  14.987  1.00 12.00 ? 33  ILE A CD1 1 
ATOM 260 N N   . LYS A 1 34  ? -4.928  -0.711  17.726  1.00 12.00 ? 34  LYS A N   1 
ATOM 261 C CA  . LYS A 1 34  ? -4.853  0.705   18.140  1.00 12.00 ? 34  LYS A CA  1 
ATOM 262 C C   . LYS A 1 34  ? -3.415  1.220   18.377  1.00 12.00 ? 34  LYS A C   1 
ATOM 263 O O   . LYS A 1 34  ? -2.466  0.724   17.778  1.00 12.00 ? 34  LYS A O   1 
ATOM 264 C CB  . LYS A 1 34  ? -5.796  0.916   19.327  1.00 12.00 ? 34  LYS A CB  1 
ATOM 265 C CG  . LYS A 1 34  ? -7.155  1.449   18.854  1.00 12.00 ? 34  LYS A CG  1 
ATOM 266 C CD  . LYS A 1 34  ? -8.040  1.889   20.029  1.00 12.00 ? 34  LYS A CD  1 
ATOM 267 C CE  . LYS A 1 34  ? -8.590  0.708   20.828  1.00 12.00 ? 34  LYS A CE  1 
ATOM 268 N NZ  . LYS A 1 34  ? -9.413  1.221   21.932  1.00 12.00 ? 34  LYS A NZ  1 
ATOM 269 N N   . SER A 1 35  ? -3.251  2.106   19.377  1.00 12.00 ? 35  SER A N   1 
ATOM 270 C CA  . SER A 1 35  ? -2.076  2.962   19.630  1.00 12.00 ? 35  SER A CA  1 
ATOM 271 C C   . SER A 1 35  ? -0.825  2.298   20.231  1.00 12.00 ? 35  SER A C   1 
ATOM 272 O O   . SER A 1 35  ? -0.055  2.937   20.962  1.00 12.00 ? 35  SER A O   1 
ATOM 273 C CB  . SER A 1 35  ? -2.557  4.113   20.528  1.00 12.00 ? 35  SER A CB  1 
ATOM 274 O OG  . SER A 1 35  ? -3.240  3.562   21.664  1.00 12.00 ? 35  SER A OG  1 
ATOM 275 N N   . VAL A 1 36  ? -0.548  1.083   19.768  1.00 12.00 ? 36  VAL A N   1 
ATOM 276 C CA  . VAL A 1 36  ? 0.619   0.268   20.161  1.00 12.00 ? 36  VAL A CA  1 
ATOM 277 C C   . VAL A 1 36  ? 0.900   -0.760  19.044  1.00 12.00 ? 36  VAL A C   1 
ATOM 278 O O   . VAL A 1 36  ? 0.281   -0.688  17.988  1.00 12.00 ? 36  VAL A O   1 
ATOM 279 C CB  . VAL A 1 36  ? 0.396   -0.280  21.587  1.00 12.00 ? 36  VAL A CB  1 
ATOM 280 C CG1 . VAL A 1 36  ? -0.223  -1.684  21.695  1.00 12.00 ? 36  VAL A CG1 1 
ATOM 281 C CG2 . VAL A 1 36  ? 1.692   -0.190  22.390  1.00 12.00 ? 36  VAL A CG2 1 
ATOM 282 N N   . ILE A 1 37  ? 1.844   -1.675  19.291  1.00 12.00 ? 37  ILE A N   1 
ATOM 283 C CA  . ILE A 1 37  ? 2.238   -2.763  18.368  1.00 12.00 ? 37  ILE A CA  1 
ATOM 284 C C   . ILE A 1 37  ? 2.526   -2.347  16.911  1.00 12.00 ? 37  ILE A C   1 
ATOM 285 O O   . ILE A 1 37  ? 1.658   -1.987  16.113  1.00 12.00 ? 37  ILE A O   1 
ATOM 286 C CB  . ILE A 1 37  ? 1.337   -4.008  18.596  1.00 12.00 ? 37  ILE A CB  1 
ATOM 287 C CG1 . ILE A 1 37  ? 2.049   -5.038  19.495  1.00 12.00 ? 37  ILE A CG1 1 
ATOM 288 C CG2 . ILE A 1 37  ? 0.673   -4.658  17.365  1.00 12.00 ? 37  ILE A CG2 1 
ATOM 289 C CD1 . ILE A 1 37  ? 3.351   -5.616  18.928  1.00 12.00 ? 37  ILE A CD1 1 
ATOM 290 N N   . ILE A 1 38  ? 3.825   -2.307  16.645  1.00 12.00 ? 38  ILE A N   1 
ATOM 291 C CA  . ILE A 1 38  ? 4.384   -1.973  15.322  1.00 12.00 ? 38  ILE A CA  1 
ATOM 292 C C   . ILE A 1 38  ? 3.927   -2.996  14.274  1.00 12.00 ? 38  ILE A C   1 
ATOM 293 O O   . ILE A 1 38  ? 3.954   -4.211  14.501  1.00 12.00 ? 38  ILE A O   1 
ATOM 294 C CB  . ILE A 1 38  ? 5.913   -1.875  15.480  1.00 12.00 ? 38  ILE A CB  1 
ATOM 295 C CG1 . ILE A 1 38  ? 6.259   -0.607  16.285  1.00 12.00 ? 38  ILE A CG1 1 
ATOM 296 C CG2 . ILE A 1 38  ? 6.674   -1.947  14.149  1.00 12.00 ? 38  ILE A CG2 1 
ATOM 297 C CD1 . ILE A 1 38  ? 7.693   -0.553  16.810  1.00 12.00 ? 38  ILE A CD1 1 
ATOM 298 N N   . LEU A 1 39  ? 3.301   -2.464  13.226  1.00 12.00 ? 39  LEU A N   1 
ATOM 299 C CA  . LEU A 1 39  ? 3.020   -3.229  12.005  1.00 12.00 ? 39  LEU A CA  1 
ATOM 300 C C   . LEU A 1 39  ? 3.946   -2.840  10.854  1.00 12.00 ? 39  LEU A C   1 
ATOM 301 O O   . LEU A 1 39  ? 4.168   -1.659  10.583  1.00 12.00 ? 39  LEU A O   1 
ATOM 302 C CB  . LEU A 1 39  ? 1.556   -3.080  11.557  1.00 12.00 ? 39  LEU A CB  1 
ATOM 303 C CG  . LEU A 1 39  ? 0.628   -4.115  12.207  1.00 12.00 ? 39  LEU A CG  1 
ATOM 304 C CD1 . LEU A 1 39  ? 0.431   -3.889  13.709  1.00 12.00 ? 39  LEU A CD1 1 
ATOM 305 C CD2 . LEU A 1 39  ? -0.732  -4.047  11.524  1.00 12.00 ? 39  LEU A CD2 1 
ATOM 306 N N   . LYS A 1 40  ? 4.404   -3.883  10.179  1.00 12.00 ? 40  LYS A N   1 
ATOM 307 C CA  . LYS A 1 40  ? 5.336   -3.790  9.039   1.00 12.00 ? 40  LYS A CA  1 
ATOM 308 C C   . LYS A 1 40  ? 4.614   -4.209  7.751   1.00 12.00 ? 40  LYS A C   1 
ATOM 309 O O   . LYS A 1 40  ? 3.938   -5.232  7.706   1.00 12.00 ? 40  LYS A O   1 
ATOM 310 C CB  . LYS A 1 40  ? 6.527   -4.693  9.384   1.00 12.00 ? 40  LYS A CB  1 
ATOM 311 C CG  . LYS A 1 40  ? 7.694   -4.529  8.399   1.00 12.00 ? 40  LYS A CG  1 
ATOM 312 C CD  . LYS A 1 40  ? 8.978   -5.120  8.993   1.00 12.00 ? 40  LYS A CD  1 
ATOM 313 C CE  . LYS A 1 40  ? 10.124  -5.058  7.994   1.00 12.00 ? 40  LYS A CE  1 
ATOM 314 N NZ  . LYS A 1 40  ? 11.378  -5.441  8.656   1.00 12.00 ? 40  LYS A NZ  1 
ATOM 315 N N   . TYR A 1 41  ? 4.713   -3.324  6.761   1.00 12.00 ? 41  TYR A N   1 
ATOM 316 C CA  . TYR A 1 41  ? 3.943   -3.419  5.504   1.00 12.00 ? 41  TYR A CA  1 
ATOM 317 C C   . TYR A 1 41  ? 4.847   -3.513  4.267   1.00 12.00 ? 41  TYR A C   1 
ATOM 318 O O   . TYR A 1 41  ? 5.674   -2.648  4.014   1.00 12.00 ? 41  TYR A O   1 
ATOM 319 C CB  . TYR A 1 41  ? 3.052   -2.196  5.302   1.00 12.00 ? 41  TYR A CB  1 
ATOM 320 C CG  . TYR A 1 41  ? 2.112   -1.866  6.455   1.00 12.00 ? 41  TYR A CG  1 
ATOM 321 C CD1 . TYR A 1 41  ? 2.587   -1.062  7.516   1.00 12.00 ? 41  TYR A CD1 1 
ATOM 322 C CD2 . TYR A 1 41  ? 0.752   -2.241  6.355   1.00 12.00 ? 41  TYR A CD2 1 
ATOM 323 C CE1 . TYR A 1 41  ? 1.680   -0.608  8.486   1.00 12.00 ? 41  TYR A CE1 1 
ATOM 324 C CE2 . TYR A 1 41  ? -0.154  -1.782  7.338   1.00 12.00 ? 41  TYR A CE2 1 
ATOM 325 C CZ  . TYR A 1 41  ? 0.317   -0.958  8.386   1.00 12.00 ? 41  TYR A CZ  1 
ATOM 326 O OH  . TYR A 1 41  ? -0.589  -0.301  9.150   1.00 12.00 ? 41  TYR A OH  1 
ATOM 327 N N   . ASN A 1 42  ? 4.447   -4.431  3.393   1.00 12.00 ? 42  ASN A N   1 
ATOM 328 C CA  . ASN A 1 42  ? 5.053   -4.564  2.052   1.00 12.00 ? 42  ASN A CA  1 
ATOM 329 C C   . ASN A 1 42  ? 4.108   -3.950  1.019   1.00 12.00 ? 42  ASN A C   1 
ATOM 330 O O   . ASN A 1 42  ? 3.042   -4.512  0.755   1.00 12.00 ? 42  ASN A O   1 
ATOM 331 C CB  . ASN A 1 42  ? 5.353   -6.034  1.741   1.00 12.00 ? 42  ASN A CB  1 
ATOM 332 C CG  . ASN A 1 42  ? 6.007   -6.211  0.363   1.00 12.00 ? 42  ASN A CG  1 
ATOM 333 O OD1 . ASN A 1 42  ? 6.912   -5.487  -0.033  1.00 12.00 ? 42  ASN A OD1 1 
ATOM 334 N ND2 . ASN A 1 42  ? 5.487   -7.122  -0.421  1.00 12.00 ? 42  ASN A ND2 1 
ATOM 335 N N   . ILE A 1 43  ? 4.438   -2.741  0.595   1.00 12.00 ? 43  ILE A N   1 
ATOM 336 C CA  . ILE A 1 43  ? 3.675   -2.038  -0.456  1.00 12.00 ? 43  ILE A CA  1 
ATOM 337 C C   . ILE A 1 43  ? 4.484   -2.128  -1.757  1.00 12.00 ? 43  ILE A C   1 
ATOM 338 O O   . ILE A 1 43  ? 5.510   -1.479  -1.909  1.00 12.00 ? 43  ILE A O   1 
ATOM 339 C CB  . ILE A 1 43  ? 3.393   -0.539  -0.218  1.00 12.00 ? 43  ILE A CB  1 
ATOM 340 C CG1 . ILE A 1 43  ? 3.190   -0.158  1.255   1.00 12.00 ? 43  ILE A CG1 1 
ATOM 341 C CG2 . ILE A 1 43  ? 2.168   -0.180  -1.064  1.00 12.00 ? 43  ILE A CG2 1 
ATOM 342 C CD1 . ILE A 1 43  ? 3.213   1.351   1.463   1.00 12.00 ? 43  ILE A CD1 1 
ATOM 343 N N   . GLN A 1 44  ? 4.023   -2.968  -2.656  1.00 12.00 ? 44  GLN A N   1 
ATOM 344 C CA  . GLN A 1 44  ? 4.668   -3.080  -3.973  1.00 12.00 ? 44  GLN A CA  1 
ATOM 345 C C   . GLN A 1 44  ? 3.903   -2.282  -5.025  1.00 12.00 ? 44  GLN A C   1 
ATOM 346 O O   . GLN A 1 44  ? 2.677   -2.230  -4.974  1.00 12.00 ? 44  GLN A O   1 
ATOM 347 C CB  . GLN A 1 44  ? 4.849   -4.553  -4.342  1.00 12.00 ? 44  GLN A CB  1 
ATOM 348 C CG  . GLN A 1 44  ? 5.875   -5.170  -3.379  1.00 12.00 ? 44  GLN A CG  1 
ATOM 349 C CD  . GLN A 1 44  ? 6.404   -6.522  -3.845  1.00 12.00 ? 44  GLN A CD  1 
ATOM 350 O OE1 . GLN A 1 44  ? 5.985   -7.577  -3.394  1.00 12.00 ? 44  GLN A OE1 1 
ATOM 351 N NE2 . GLN A 1 44  ? 7.412   -6.483  -4.682  1.00 12.00 ? 44  GLN A NE2 1 
ATOM 352 N N   . TYR A 1 45  ? 4.658   -1.497  -5.784  1.00 12.00 ? 45  TYR A N   1 
ATOM 353 C CA  . TYR A 1 45  ? 4.108   -0.643  -6.855  1.00 12.00 ? 45  TYR A CA  1 
ATOM 354 C C   . TYR A 1 45  ? 4.631   -1.080  -8.231  1.00 12.00 ? 45  TYR A C   1 
ATOM 355 O O   . TYR A 1 45  ? 5.611   -1.811  -8.294  1.00 12.00 ? 45  TYR A O   1 
ATOM 356 C CB  . TYR A 1 45  ? 4.439   0.844   -6.614  1.00 12.00 ? 45  TYR A CB  1 
ATOM 357 C CG  . TYR A 1 45  ? 5.835   1.327   -7.023  1.00 12.00 ? 45  TYR A CG  1 
ATOM 358 C CD1 . TYR A 1 45  ? 6.900   1.251   -6.097  1.00 12.00 ? 45  TYR A CD1 1 
ATOM 359 C CD2 . TYR A 1 45  ? 6.039   1.810   -8.336  1.00 12.00 ? 45  TYR A CD2 1 
ATOM 360 C CE1 . TYR A 1 45  ? 8.185   1.672   -6.484  1.00 12.00 ? 45  TYR A CE1 1 
ATOM 361 C CE2 . TYR A 1 45  ? 7.324   2.217   -8.725  1.00 12.00 ? 45  TYR A CE2 1 
ATOM 362 C CZ  . TYR A 1 45  ? 8.377   2.149   -7.799  1.00 12.00 ? 45  TYR A CZ  1 
ATOM 363 O OH  . TYR A 1 45  ? 9.583   2.672   -8.155  1.00 12.00 ? 45  TYR A OH  1 
ATOM 364 N N   . ARG A 1 46  ? 3.919   -0.663  -9.274  1.00 12.00 ? 46  ARG A N   1 
ATOM 365 C CA  . ARG A 1 46  ? 4.371   -0.710  -10.691 1.00 12.00 ? 46  ARG A CA  1 
ATOM 366 C C   . ARG A 1 46  ? 3.337   -0.052  -11.614 1.00 12.00 ? 46  ARG A C   1 
ATOM 367 O O   . ARG A 1 46  ? 2.247   0.304   -11.181 1.00 12.00 ? 46  ARG A O   1 
ATOM 368 C CB  . ARG A 1 46  ? 4.686   -2.139  -11.192 1.00 12.00 ? 46  ARG A CB  1 
ATOM 369 C CG  . ARG A 1 46  ? 3.456   -3.035  -11.161 1.00 12.00 ? 46  ARG A CG  1 
ATOM 370 C CD  . ARG A 1 46  ? 3.696   -4.426  -11.762 1.00 12.00 ? 46  ARG A CD  1 
ATOM 371 N NE  . ARG A 1 46  ? 2.654   -4.905  -12.691 1.00 12.00 ? 46  ARG A NE  1 
ATOM 372 C CZ  . ARG A 1 46  ? 1.348   -4.618  -12.785 1.00 12.00 ? 46  ARG A CZ  1 
ATOM 373 N NH1 . ARG A 1 46  ? 0.706   -3.819  -11.963 1.00 12.00 ? 46  ARG A NH1 1 
ATOM 374 N NH2 . ARG A 1 46  ? 0.681   -5.051  -13.842 1.00 12.00 ? 46  ARG A NH2 1 
ATOM 375 N N   . THR A 1 47  ? 3.734   0.151   -12.870 1.00 12.00 ? 47  THR A N   1 
ATOM 376 C CA  . THR A 1 47  ? 2.818   0.592   -13.945 1.00 12.00 ? 47  THR A CA  1 
ATOM 377 C C   . THR A 1 47  ? 1.839   -0.534  -14.343 1.00 12.00 ? 47  THR A C   1 
ATOM 378 O O   . THR A 1 47  ? 2.216   -1.705  -14.391 1.00 12.00 ? 47  THR A O   1 
ATOM 379 C CB  . THR A 1 47  ? 3.578   1.130   -15.177 1.00 12.00 ? 47  THR A CB  1 
ATOM 380 O OG1 . THR A 1 47  ? 2.641   1.495   -16.200 1.00 12.00 ? 47  THR A OG1 1 
ATOM 381 C CG2 . THR A 1 47  ? 4.629   0.170   -15.743 1.00 12.00 ? 47  THR A CG2 1 
ATOM 382 N N   . LYS A 1 48  ? 0.637   -0.111  -14.740 1.00 12.00 ? 48  LYS A N   1 
ATOM 383 C CA  . LYS A 1 48  ? -0.487  -0.948  -15.211 1.00 12.00 ? 48  LYS A CA  1 
ATOM 384 C C   . LYS A 1 48  ? -0.109  -2.084  -16.190 1.00 12.00 ? 48  LYS A C   1 
ATOM 385 O O   . LYS A 1 48  ? -0.686  -3.170  -16.122 1.00 12.00 ? 48  LYS A O   1 
ATOM 386 C CB  . LYS A 1 48  ? -1.488  0.028   -15.833 1.00 12.00 ? 48  LYS A CB  1 
ATOM 387 C CG  . LYS A 1 48  ? -2.817  -0.543  -16.360 1.00 12.00 ? 48  LYS A CG  1 
ATOM 388 C CD  . LYS A 1 48  ? -3.633  -1.285  -15.291 1.00 12.00 ? 48  LYS A CD  1 
ATOM 389 C CE  . LYS A 1 48  ? -5.060  -1.568  -15.753 1.00 12.00 ? 48  LYS A CE  1 
ATOM 390 N NZ  . LYS A 1 48  ? -5.103  -2.339  -16.997 1.00 12.00 ? 48  LYS A NZ  1 
ATOM 391 N N   . ASP A 1 49  ? 0.898   -1.844  -17.014 1.00 12.00 ? 49  ASP A N   1 
ATOM 392 C CA  . ASP A 1 49  ? 1.322   -2.783  -18.075 1.00 12.00 ? 49  ASP A CA  1 
ATOM 393 C C   . ASP A 1 49  ? 2.639   -3.542  -17.774 1.00 12.00 ? 49  ASP A C   1 
ATOM 394 O O   . ASP A 1 49  ? 3.191   -4.181  -18.655 1.00 12.00 ? 49  ASP A O   1 
ATOM 395 C CB  . ASP A 1 49  ? 1.399   -1.971  -19.376 1.00 12.00 ? 49  ASP A CB  1 
ATOM 396 C CG  . ASP A 1 49  ? 1.602   -2.826  -20.632 1.00 12.00 ? 49  ASP A CG  1 
ATOM 397 O OD1 . ASP A 1 49  ? 0.616   -3.451  -21.059 1.00 12.00 ? 49  ASP A OD1 1 
ATOM 398 O OD2 . ASP A 1 49  ? 2.720   -2.732  -21.202 1.00 12.00 ? 49  ASP A OD2 1 
ATOM 399 N N   . ALA A 1 50  ? 3.087   -3.542  -16.516 1.00 12.00 ? 50  ALA A N   1 
ATOM 400 C CA  . ALA A 1 50  ? 4.350   -4.212  -16.148 1.00 12.00 ? 50  ALA A CA  1 
ATOM 401 C C   . ALA A 1 50  ? 4.157   -5.689  -15.786 1.00 12.00 ? 50  ALA A C   1 
ATOM 402 O O   . ALA A 1 50  ? 3.132   -6.096  -15.249 1.00 12.00 ? 50  ALA A O   1 
ATOM 403 C CB  . ALA A 1 50  ? 5.043   -3.457  -15.009 1.00 12.00 ? 50  ALA A CB  1 
ATOM 404 N N   . SER A 1 51  ? 5.145   -6.494  -16.179 1.00 12.00 ? 51  SER A N   1 
ATOM 405 C CA  . SER A 1 51  ? 5.165   -7.944  -15.915 1.00 12.00 ? 51  SER A CA  1 
ATOM 406 C C   . SER A 1 51  ? 5.319   -8.286  -14.423 1.00 12.00 ? 51  SER A C   1 
ATOM 407 O O   . SER A 1 51  ? 4.513   -9.011  -13.852 1.00 12.00 ? 51  SER A O   1 
ATOM 408 C CB  . SER A 1 51  ? 6.311   -8.600  -16.698 1.00 12.00 ? 51  SER A CB  1 
ATOM 409 O OG  . SER A 1 51  ? 6.374   -8.074  -18.019 1.00 12.00 ? 51  SER A OG  1 
ATOM 410 N N   . THR A 1 52  ? 6.380   -7.744  -13.827 1.00 12.00 ? 52  THR A N   1 
ATOM 411 C CA  . THR A 1 52  ? 6.755   -7.969  -12.413 1.00 12.00 ? 52  THR A CA  1 
ATOM 412 C C   . THR A 1 52  ? 6.799   -6.661  -11.611 1.00 12.00 ? 52  THR A C   1 
ATOM 413 O O   . THR A 1 52  ? 7.002   -5.582  -12.161 1.00 12.00 ? 52  THR A O   1 
ATOM 414 C CB  . THR A 1 52  ? 8.090   -8.717  -12.315 1.00 12.00 ? 52  THR A CB  1 
ATOM 415 O OG1 . THR A 1 52  ? 9.046   -8.118  -13.202 1.00 12.00 ? 52  THR A OG1 1 
ATOM 416 C CG2 . THR A 1 52  ? 7.922   -10.213 -12.598 1.00 12.00 ? 52  THR A CG2 1 
ATOM 417 N N   . TRP A 1 53  ? 6.636   -6.825  -10.303 1.00 12.00 ? 53  TRP A N   1 
ATOM 418 C CA  . TRP A 1 53  ? 6.435   -5.724  -9.343  1.00 12.00 ? 53  TRP A CA  1 
ATOM 419 C C   . TRP A 1 53  ? 7.717   -5.100  -8.797  1.00 12.00 ? 53  TRP A C   1 
ATOM 420 O O   . TRP A 1 53  ? 8.721   -5.778  -8.580  1.00 12.00 ? 53  TRP A O   1 
ATOM 421 C CB  . TRP A 1 53  ? 5.554   -6.239  -8.200  1.00 12.00 ? 53  TRP A CB  1 
ATOM 422 C CG  . TRP A 1 53  ? 4.084   -6.456  -8.626  1.00 12.00 ? 53  TRP A CG  1 
ATOM 423 C CD1 . TRP A 1 53  ? 3.620   -7.427  -9.420  1.00 12.00 ? 53  TRP A CD1 1 
ATOM 424 C CD2 . TRP A 1 53  ? 3.026   -5.592  -8.380  1.00 12.00 ? 53  TRP A CD2 1 
ATOM 425 N NE1 . TRP A 1 53  ? 2.339   -7.206  -9.706  1.00 12.00 ? 53  TRP A NE1 1 
ATOM 426 C CE2 . TRP A 1 53  ? 1.926   -6.113  -9.091  1.00 12.00 ? 53  TRP A CE2 1 
ATOM 427 C CE3 . TRP A 1 53  ? 2.907   -4.401  -7.636  1.00 12.00 ? 53  TRP A CE3 1 
ATOM 428 C CZ2 . TRP A 1 53  ? 0.672   -5.459  -9.048  1.00 12.00 ? 53  TRP A CZ2 1 
ATOM 429 C CZ3 . TRP A 1 53  ? 1.655   -3.739  -7.610  1.00 12.00 ? 53  TRP A CZ3 1 
ATOM 430 C CH2 . TRP A 1 53  ? 0.554   -4.268  -8.303  1.00 12.00 ? 53  TRP A CH2 1 
ATOM 431 N N   . SER A 1 54  ? 7.617   -3.796  -8.540  1.00 12.00 ? 54  SER A N   1 
ATOM 432 C CA  . SER A 1 54  ? 8.666   -2.982  -7.900  1.00 12.00 ? 54  SER A CA  1 
ATOM 433 C C   . SER A 1 54  ? 8.354   -2.866  -6.382  1.00 12.00 ? 54  SER A C   1 
ATOM 434 O O   . SER A 1 54  ? 7.706   -3.756  -5.836  1.00 12.00 ? 54  SER A O   1 
ATOM 435 C CB  . SER A 1 54  ? 8.757   -1.632  -8.626  1.00 12.00 ? 54  SER A CB  1 
ATOM 436 O OG  . SER A 1 54  ? 9.798   -0.802  -8.112  1.00 12.00 ? 54  SER A OG  1 
ATOM 437 N N   . GLN A 1 55  ? 8.782   -1.795  -5.701  1.00 12.00 ? 55  GLN A N   1 
ATOM 438 C CA  . GLN A 1 55  ? 8.747   -1.725  -4.219  1.00 12.00 ? 55  GLN A CA  1 
ATOM 439 C C   . GLN A 1 55  ? 8.717   -0.335  -3.563  1.00 12.00 ? 55  GLN A C   1 
ATOM 440 O O   . GLN A 1 55  ? 9.480   0.569   -3.926  1.00 12.00 ? 55  GLN A O   1 
ATOM 441 C CB  . GLN A 1 55  ? 9.940   -2.508  -3.644  1.00 12.00 ? 55  GLN A CB  1 
ATOM 442 C CG  . GLN A 1 55  ? 11.289  -2.060  -4.239  1.00 12.00 ? 55  GLN A CG  1 
ATOM 443 C CD  . GLN A 1 55  ? 12.512  -2.685  -3.579  1.00 12.00 ? 55  GLN A CD  1 
ATOM 444 O OE1 . GLN A 1 55  ? 12.555  -3.834  -3.167  1.00 12.00 ? 55  GLN A OE1 1 
ATOM 445 N NE2 . GLN A 1 55  ? 13.581  -1.917  -3.530  1.00 12.00 ? 55  GLN A NE2 1 
ATOM 446 N N   . ILE A 1 56  ? 7.857   -0.211  -2.561  1.00 12.00 ? 56  ILE A N   1 
ATOM 447 C CA  . ILE A 1 56  ? 7.951   0.819   -1.503  1.00 12.00 ? 56  ILE A CA  1 
ATOM 448 C C   . ILE A 1 56  ? 8.329   0.028   -0.234  1.00 12.00 ? 56  ILE A C   1 
ATOM 449 O O   . ILE A 1 56  ? 7.474   -0.619  0.377   1.00 12.00 ? 56  ILE A O   1 
ATOM 450 C CB  . ILE A 1 56  ? 6.630   1.619   -1.335  1.00 12.00 ? 56  ILE A CB  1 
ATOM 451 C CG1 . ILE A 1 56  ? 6.227   2.394   -2.603  1.00 12.00 ? 56  ILE A CG1 1 
ATOM 452 C CG2 . ILE A 1 56  ? 6.641   2.526   -0.088  1.00 12.00 ? 56  ILE A CG2 1 
ATOM 453 C CD1 . ILE A 1 56  ? 7.219   3.448   -3.094  1.00 12.00 ? 56  ILE A CD1 1 
ATOM 454 N N   . PRO A 1 57  ? 9.624   0.025   0.118   1.00 12.00 ? 57  PRO A N   1 
ATOM 455 C CA  . PRO A 1 57  ? 10.164  -0.768  1.238   1.00 12.00 ? 57  PRO A CA  1 
ATOM 456 C C   . PRO A 1 57  ? 9.550   -0.384  2.592   1.00 12.00 ? 57  PRO A C   1 
ATOM 457 O O   . PRO A 1 57  ? 9.211   0.790   2.799   1.00 12.00 ? 57  PRO A O   1 
ATOM 458 C CB  . PRO A 1 57  ? 11.675  -0.532  1.192   1.00 12.00 ? 57  PRO A CB  1 
ATOM 459 C CG  . PRO A 1 57  ? 11.818  0.842   0.548   1.00 12.00 ? 57  PRO A CG  1 
ATOM 460 C CD  . PRO A 1 57  ? 10.694  0.865   -0.483  1.00 12.00 ? 57  PRO A CD  1 
ATOM 461 N N   . PRO A 1 58  ? 9.389   -1.362  3.501   1.00 12.00 ? 58  PRO A N   1 
ATOM 462 C CA  . PRO A 1 58  ? 8.934   -1.113  4.888   1.00 12.00 ? 58  PRO A CA  1 
ATOM 463 C C   . PRO A 1 58  ? 9.959   -0.337  5.740   1.00 12.00 ? 58  PRO A C   1 
ATOM 464 O O   . PRO A 1 58  ? 10.833  -0.905  6.390   1.00 12.00 ? 58  PRO A O   1 
ATOM 465 C CB  . PRO A 1 58  ? 8.600   -2.489  5.446   1.00 12.00 ? 58  PRO A CB  1 
ATOM 466 C CG  . PRO A 1 58  ? 9.443   -3.452  4.615   1.00 12.00 ? 58  PRO A CG  1 
ATOM 467 C CD  . PRO A 1 58  ? 9.455   -2.811  3.230   1.00 12.00 ? 58  PRO A CD  1 
ATOM 468 N N   . GLU A 1 59  ? 9.975   0.957   5.465   1.00 12.00 ? 59  GLU A N   1 
ATOM 469 C CA  . GLU A 1 59  ? 10.772  1.962   6.209   1.00 12.00 ? 59  GLU A CA  1 
ATOM 470 C C   . GLU A 1 59  ? 9.835   3.016   6.818   1.00 12.00 ? 59  GLU A C   1 
ATOM 471 O O   . GLU A 1 59  ? 9.683   3.074   8.041   1.00 12.00 ? 59  GLU A O   1 
ATOM 472 C CB  . GLU A 1 59  ? 11.852  2.589   5.326   1.00 12.00 ? 59  GLU A CB  1 
ATOM 473 C CG  . GLU A 1 59  ? 12.950  1.589   4.978   1.00 12.00 ? 59  GLU A CG  1 
ATOM 474 C CD  . GLU A 1 59  ? 14.072  2.244   4.177   1.00 12.00 ? 59  GLU A CD  1 
ATOM 475 O OE1 . GLU A 1 59  ? 15.007  2.779   4.823   1.00 12.00 ? 59  GLU A OE1 1 
ATOM 476 O OE2 . GLU A 1 59  ? 13.972  2.218   2.932   1.00 12.00 ? 59  GLU A OE2 1 
ATOM 477 N N   . ASP A 1 60  ? 9.142   3.756   5.957   1.00 12.00 ? 60  ASP A N   1 
ATOM 478 C CA  . ASP A 1 60  ? 7.971   4.579   6.360   1.00 12.00 ? 60  ASP A CA  1 
ATOM 479 C C   . ASP A 1 60  ? 6.897   3.656   6.968   1.00 12.00 ? 60  ASP A C   1 
ATOM 480 O O   . ASP A 1 60  ? 6.560   3.764   8.139   1.00 12.00 ? 60  ASP A O   1 
ATOM 481 C CB  . ASP A 1 60  ? 7.374   5.326   5.159   1.00 12.00 ? 60  ASP A CB  1 
ATOM 482 C CG  . ASP A 1 60  ? 8.352   6.285   4.491   1.00 12.00 ? 60  ASP A CG  1 
ATOM 483 O OD1 . ASP A 1 60  ? 9.223   5.752   3.757   1.00 12.00 ? 60  ASP A OD1 1 
ATOM 484 O OD2 . ASP A 1 60  ? 8.244   7.494   4.738   1.00 12.00 ? 60  ASP A OD2 1 
ATOM 485 N N   . THR A 1 61  ? 6.644   2.582   6.227   1.00 12.00 ? 61  THR A N   1 
ATOM 486 C CA  . THR A 1 61  ? 5.685   1.516   6.552   1.00 12.00 ? 61  THR A CA  1 
ATOM 487 C C   . THR A 1 61  ? 6.268   0.379   7.399   1.00 12.00 ? 61  THR A C   1 
ATOM 488 O O   . THR A 1 61  ? 5.980   -0.798  7.203   1.00 12.00 ? 61  THR A O   1 
ATOM 489 C CB  . THR A 1 61  ? 5.120   0.997   5.224   1.00 12.00 ? 61  THR A CB  1 
ATOM 490 O OG1 . THR A 1 61  ? 6.164   0.894   4.250   1.00 12.00 ? 61  THR A OG1 1 
ATOM 491 C CG2 . THR A 1 61  ? 3.988   1.905   4.756   1.00 12.00 ? 61  THR A CG2 1 
ATOM 492 N N   . ALA A 1 62  ? 7.043   0.796   8.394   1.00 12.00 ? 62  ALA A N   1 
ATOM 493 C CA  . ALA A 1 62  ? 7.636   -0.115  9.389   1.00 12.00 ? 62  ALA A CA  1 
ATOM 494 C C   . ALA A 1 62  ? 7.147   0.150   10.835  1.00 12.00 ? 62  ALA A C   1 
ATOM 495 O O   . ALA A 1 62  ? 7.748   -0.349  11.785  1.00 12.00 ? 62  ALA A O   1 
ATOM 496 C CB  . ALA A 1 62  ? 9.168   -0.018  9.305   1.00 12.00 ? 62  ALA A CB  1 
ATOM 497 N N   . SER A 1 63  ? 6.071   0.936   10.967  1.00 12.00 ? 63  SER A N   1 
ATOM 498 C CA  . SER A 1 63  ? 5.419   1.235   12.258  1.00 12.00 ? 63  SER A CA  1 
ATOM 499 C C   . SER A 1 63  ? 4.015   1.836   12.031  1.00 12.00 ? 63  SER A C   1 
ATOM 500 O O   . SER A 1 63  ? 3.893   3.022   11.737  1.00 12.00 ? 63  SER A O   1 
ATOM 501 C CB  . SER A 1 63  ? 6.265   2.219   13.085  1.00 12.00 ? 63  SER A CB  1 
ATOM 502 O OG  . SER A 1 63  ? 5.715   2.330   14.412  1.00 12.00 ? 63  SER A OG  1 
ATOM 503 N N   . THR A 1 64  ? 3.083   0.917   11.796  1.00 12.00 ? 64  THR A N   1 
ATOM 504 C CA  . THR A 1 64  ? 1.610   1.137   11.710  1.00 12.00 ? 64  THR A CA  1 
ATOM 505 C C   . THR A 1 64  ? 1.208   2.474   11.048  1.00 12.00 ? 64  THR A C   1 
ATOM 506 O O   . THR A 1 64  ? 1.024   3.491   11.718  1.00 12.00 ? 64  THR A O   1 
ATOM 507 C CB  . THR A 1 64  ? 0.954   0.927   13.078  1.00 12.00 ? 64  THR A CB  1 
ATOM 508 O OG1 . THR A 1 64  ? 1.436   -0.306  13.641  1.00 12.00 ? 64  THR A OG1 1 
ATOM 509 C CG2 . THR A 1 64  ? -0.574  0.827   12.975  1.00 12.00 ? 64  THR A CG2 1 
ATOM 510 N N   . ARG A 1 65  ? 0.887   2.378   9.759   1.00 12.00 ? 65  ARG A N   1 
ATOM 511 C CA  . ARG A 1 65  ? 0.765   3.558   8.879   1.00 12.00 ? 65  ARG A CA  1 
ATOM 512 C C   . ARG A 1 65  ? -0.641  4.063   8.542   1.00 12.00 ? 65  ARG A C   1 
ATOM 513 O O   . ARG A 1 65  ? -0.850  5.271   8.569   1.00 12.00 ? 65  ARG A O   1 
ATOM 514 C CB  . ARG A 1 65  ? 1.547   3.345   7.586   1.00 12.00 ? 65  ARG A CB  1 
ATOM 515 C CG  . ARG A 1 65  ? 2.990   3.782   7.767   1.00 12.00 ? 65  ARG A CG  1 
ATOM 516 C CD  . ARG A 1 65  ? 3.132   5.301   7.661   1.00 12.00 ? 65  ARG A CD  1 
ATOM 517 N NE  . ARG A 1 65  ? 4.298   5.688   8.463   1.00 12.00 ? 65  ARG A NE  1 
ATOM 518 C CZ  . ARG A 1 65  ? 4.262   6.308   9.641   1.00 12.00 ? 65  ARG A CZ  1 
ATOM 519 N NH1 . ARG A 1 65  ? 3.129   6.681   10.210  1.00 12.00 ? 65  ARG A NH1 1 
ATOM 520 N NH2 . ARG A 1 65  ? 5.362   6.339   10.386  1.00 12.00 ? 65  ARG A NH2 1 
ATOM 521 N N   . SER A 1 66  ? -1.454  3.158   7.985   1.00 12.00 ? 66  SER A N   1 
ATOM 522 C CA  . SER A 1 66  ? -2.799  3.403   7.405   1.00 12.00 ? 66  SER A CA  1 
ATOM 523 C C   . SER A 1 66  ? -2.879  4.377   6.206   1.00 12.00 ? 66  SER A C   1 
ATOM 524 O O   . SER A 1 66  ? -3.865  4.373   5.474   1.00 12.00 ? 66  SER A O   1 
ATOM 525 C CB  . SER A 1 66  ? -3.899  3.665   8.445   1.00 12.00 ? 66  SER A CB  1 
ATOM 526 O OG  . SER A 1 66  ? -3.631  4.816   9.234   1.00 12.00 ? 66  SER A OG  1 
ATOM 527 N N   . SER A 1 67  ? -1.820  5.144   5.955   1.00 12.00 ? 67  SER A N   1 
ATOM 528 C CA  . SER A 1 67  ? -1.689  5.985   4.750   1.00 12.00 ? 67  SER A CA  1 
ATOM 529 C C   . SER A 1 67  ? -0.221  6.184   4.330   1.00 12.00 ? 67  SER A C   1 
ATOM 530 O O   . SER A 1 67  ? 0.696   5.953   5.114   1.00 12.00 ? 67  SER A O   1 
ATOM 531 C CB  . SER A 1 67  ? -2.334  7.358   4.960   1.00 12.00 ? 67  SER A CB  1 
ATOM 532 O OG  . SER A 1 67  ? -1.606  8.106   5.945   1.00 12.00 ? 67  SER A OG  1 
ATOM 533 N N   . PHE A 1 68  ? -0.052  6.402   3.025   1.00 12.00 ? 68  PHE A N   1 
ATOM 534 C CA  . PHE A 1 68  ? 1.232   6.809   2.416   1.00 12.00 ? 68  PHE A CA  1 
ATOM 535 C C   . PHE A 1 68  ? 1.041   7.565   1.095   1.00 12.00 ? 68  PHE A C   1 
ATOM 536 O O   . PHE A 1 68  ? 0.473   7.068   0.130   1.00 12.00 ? 68  PHE A O   1 
ATOM 537 C CB  . PHE A 1 68  ? 2.170   5.609   2.204   1.00 12.00 ? 68  PHE A CB  1 
ATOM 538 C CG  . PHE A 1 68  ? 3.583   6.011   1.782   1.00 12.00 ? 68  PHE A CG  1 
ATOM 539 C CD1 . PHE A 1 68  ? 4.316   6.975   2.534   1.00 12.00 ? 68  PHE A CD1 1 
ATOM 540 C CD2 . PHE A 1 68  ? 4.095   5.518   0.555   1.00 12.00 ? 68  PHE A CD2 1 
ATOM 541 C CE1 . PHE A 1 68  ? 5.544   7.459   2.041   1.00 12.00 ? 68  PHE A CE1 1 
ATOM 542 C CE2 . PHE A 1 68  ? 5.322   6.002   0.063   1.00 12.00 ? 68  PHE A CE2 1 
ATOM 543 C CZ  . PHE A 1 68  ? 6.043   6.959   0.811   1.00 12.00 ? 68  PHE A CZ  1 
ATOM 544 N N   . THR A 1 69  ? 1.549   8.796   1.107   1.00 12.00 ? 69  THR A N   1 
ATOM 545 C CA  . THR A 1 69  ? 1.561   9.692   -0.063  1.00 12.00 ? 69  THR A CA  1 
ATOM 546 C C   . THR A 1 69  ? 2.714   9.282   -0.999  1.00 12.00 ? 69  THR A C   1 
ATOM 547 O O   . THR A 1 69  ? 3.870   9.665   -0.806  1.00 12.00 ? 69  THR A O   1 
ATOM 548 C CB  . THR A 1 69  ? 1.741   11.140  0.409   1.00 12.00 ? 69  THR A CB  1 
ATOM 549 O OG1 . THR A 1 69  ? 0.946   11.357  1.581   1.00 12.00 ? 69  THR A OG1 1 
ATOM 550 C CG2 . THR A 1 69  ? 1.319   12.142  -0.671  1.00 12.00 ? 69  THR A CG2 1 
ATOM 551 N N   . VAL A 1 70  ? 2.367   8.484   -2.011  1.00 12.00 ? 70  VAL A N   1 
ATOM 552 C CA  . VAL A 1 70  ? 3.345   7.915   -2.959  1.00 12.00 ? 70  VAL A CA  1 
ATOM 553 C C   . VAL A 1 70  ? 3.678   8.961   -4.029  1.00 12.00 ? 70  VAL A C   1 
ATOM 554 O O   . VAL A 1 70  ? 2.796   9.440   -4.753  1.00 12.00 ? 70  VAL A O   1 
ATOM 555 C CB  . VAL A 1 70  ? 2.837   6.612   -3.610  1.00 12.00 ? 70  VAL A CB  1 
ATOM 556 C CG1 . VAL A 1 70  ? 3.975   5.927   -4.373  1.00 12.00 ? 70  VAL A CG1 1 
ATOM 557 C CG2 . VAL A 1 70  ? 2.285   5.606   -2.599  1.00 12.00 ? 70  VAL A CG2 1 
ATOM 558 N N   . GLN A 1 71  ? 4.979   9.197   -4.152  1.00 12.00 ? 71  GLN A N   1 
ATOM 559 C CA  . GLN A 1 71  ? 5.561   10.250  -5.017  1.00 12.00 ? 71  GLN A CA  1 
ATOM 560 C C   . GLN A 1 71  ? 6.456   9.627   -6.108  1.00 12.00 ? 71  GLN A C   1 
ATOM 561 O O   . GLN A 1 71  ? 6.816   8.457   -6.025  1.00 12.00 ? 71  GLN A O   1 
ATOM 562 C CB  . GLN A 1 71  ? 6.386   11.195  -4.143  1.00 12.00 ? 71  GLN A CB  1 
ATOM 563 C CG  . GLN A 1 71  ? 5.528   11.872  -3.067  1.00 12.00 ? 71  GLN A CG  1 
ATOM 564 C CD  . GLN A 1 71  ? 6.341   12.579  -1.982  1.00 12.00 ? 71  GLN A CD  1 
ATOM 565 O OE1 . GLN A 1 71  ? 7.526   12.361  -1.759  1.00 12.00 ? 71  GLN A OE1 1 
ATOM 566 N NE2 . GLN A 1 71  ? 5.681   13.429  -1.227  1.00 12.00 ? 71  GLN A NE2 1 
ATOM 567 N N   . ASP A 1 72  ? 6.740   10.437  -7.135  1.00 12.00 ? 72  ASP A N   1 
ATOM 568 C CA  . ASP A 1 72  ? 7.605   10.106  -8.307  1.00 12.00 ? 72  ASP A CA  1 
ATOM 569 C C   . ASP A 1 72  ? 6.967   9.101   -9.299  1.00 12.00 ? 72  ASP A C   1 
ATOM 570 O O   . ASP A 1 72  ? 7.603   8.179   -9.792  1.00 12.00 ? 72  ASP A O   1 
ATOM 571 C CB  . ASP A 1 72  ? 9.015   9.644   -7.896  1.00 12.00 ? 72  ASP A CB  1 
ATOM 572 C CG  . ASP A 1 72  ? 9.781   10.675  -7.066  1.00 12.00 ? 72  ASP A CG  1 
ATOM 573 O OD1 . ASP A 1 72  ? 9.838   11.848  -7.523  1.00 12.00 ? 72  ASP A OD1 1 
ATOM 574 O OD2 . ASP A 1 72  ? 10.267  10.299  -5.984  1.00 12.00 ? 72  ASP A OD2 1 
ATOM 575 N N   . LEU A 1 73  ? 5.729   9.404   -9.687  1.00 12.00 ? 73  LEU A N   1 
ATOM 576 C CA  . LEU A 1 73  ? 4.976   8.570   -10.647 1.00 12.00 ? 73  LEU A CA  1 
ATOM 577 C C   . LEU A 1 73  ? 4.852   9.277   -12.005 1.00 12.00 ? 73  LEU A C   1 
ATOM 578 O O   . LEU A 1 73  ? 4.630   10.486  -12.067 1.00 12.00 ? 73  LEU A O   1 
ATOM 579 C CB  . LEU A 1 73  ? 3.577   8.242   -10.124 1.00 12.00 ? 73  LEU A CB  1 
ATOM 580 C CG  . LEU A 1 73  ? 3.580   7.320   -8.887  1.00 12.00 ? 73  LEU A CG  1 
ATOM 581 C CD1 . LEU A 1 73  ? 3.851   8.080   -7.602  1.00 12.00 ? 73  LEU A CD1 1 
ATOM 582 C CD2 . LEU A 1 73  ? 2.185   6.731   -8.712  1.00 12.00 ? 73  LEU A CD2 1 
ATOM 583 N N   . LYS A 1 74  ? 5.020   8.490   -13.069 1.00 12.00 ? 74  LYS A N   1 
ATOM 584 C CA  . LYS A 1 74  ? 4.852   8.952   -14.465 1.00 12.00 ? 74  LYS A CA  1 
ATOM 585 C C   . LYS A 1 74  ? 3.425   9.509   -14.681 1.00 12.00 ? 74  LYS A C   1 
ATOM 586 O O   . LYS A 1 74  ? 2.459   8.801   -14.373 1.00 12.00 ? 74  LYS A O   1 
ATOM 587 C CB  . LYS A 1 74  ? 5.122   7.765   -15.412 1.00 12.00 ? 74  LYS A CB  1 
ATOM 588 C CG  . LYS A 1 74  ? 4.983   8.122   -16.896 1.00 12.00 ? 74  LYS A CG  1 
ATOM 589 C CD  . LYS A 1 74  ? 5.115   6.889   -17.801 1.00 12.00 ? 74  LYS A CD  1 
ATOM 590 C CE  . LYS A 1 74  ? 6.568   6.467   -18.050 1.00 12.00 ? 74  LYS A CE  1 
ATOM 591 N NZ  . LYS A 1 74  ? 7.219   7.409   -18.969 1.00 12.00 ? 74  LYS A NZ  1 
ATOM 592 N N   . PRO A 1 75  ? 3.294   10.756  -15.168 1.00 12.00 ? 75  PRO A N   1 
ATOM 593 C CA  . PRO A 1 75  ? 1.988   11.407  -15.418 1.00 12.00 ? 75  PRO A CA  1 
ATOM 594 C C   . PRO A 1 75  ? 1.129   10.682  -16.461 1.00 12.00 ? 75  PRO A C   1 
ATOM 595 O O   . PRO A 1 75  ? 1.657   9.917   -17.257 1.00 12.00 ? 75  PRO A O   1 
ATOM 596 C CB  . PRO A 1 75  ? 2.338   12.824  -15.856 1.00 12.00 ? 75  PRO A CB  1 
ATOM 597 C CG  . PRO A 1 75  ? 3.732   12.694  -16.454 1.00 12.00 ? 75  PRO A CG  1 
ATOM 598 C CD  . PRO A 1 75  ? 4.400   11.658  -15.562 1.00 12.00 ? 75  PRO A CD  1 
ATOM 599 N N   . PHE A 1 76  ? -0.180  10.824  -16.279 1.00 12.00 ? 76  PHE A N   1 
ATOM 600 C CA  . PHE A 1 76  ? -1.288  10.252  -17.092 1.00 12.00 ? 76  PHE A CA  1 
ATOM 601 C C   . PHE A 1 76  ? -1.391  8.706   -17.148 1.00 12.00 ? 76  PHE A C   1 
ATOM 602 O O   . PHE A 1 76  ? -2.406  8.156   -17.567 1.00 12.00 ? 76  PHE A O   1 
ATOM 603 C CB  . PHE A 1 76  ? -1.418  10.908  -18.484 1.00 12.00 ? 76  PHE A CB  1 
ATOM 604 C CG  . PHE A 1 76  ? -0.515  10.384  -19.596 1.00 12.00 ? 76  PHE A CG  1 
ATOM 605 C CD1 . PHE A 1 76  ? -0.933  9.251   -20.347 1.00 12.00 ? 76  PHE A CD1 1 
ATOM 606 C CD2 . PHE A 1 76  ? 0.667   11.083  -19.952 1.00 12.00 ? 76  PHE A CD2 1 
ATOM 607 C CE1 . PHE A 1 76  ? -0.162  8.806   -21.438 1.00 12.00 ? 76  PHE A CE1 1 
ATOM 608 C CE2 . PHE A 1 76  ? 1.437   10.637  -21.043 1.00 12.00 ? 76  PHE A CE2 1 
ATOM 609 C CZ  . PHE A 1 76  ? 1.018   9.500   -21.785 1.00 12.00 ? 76  PHE A CZ  1 
ATOM 610 N N   . THR A 1 77  ? -0.351  8.046   -16.655 1.00 12.00 ? 77  THR A N   1 
ATOM 611 C CA  . THR A 1 77  ? -0.228  6.580   -16.642 1.00 12.00 ? 77  THR A CA  1 
ATOM 612 C C   . THR A 1 77  ? -0.693  6.036   -15.282 1.00 12.00 ? 77  THR A C   1 
ATOM 613 O O   . THR A 1 77  ? -0.417  6.595   -14.231 1.00 12.00 ? 77  THR A O   1 
ATOM 614 C CB  . THR A 1 77  ? 1.235   6.196   -16.928 1.00 12.00 ? 77  THR A CB  1 
ATOM 615 O OG1 . THR A 1 77  ? 1.597   6.769   -18.185 1.00 12.00 ? 77  THR A OG1 1 
ATOM 616 C CG2 . THR A 1 77  ? 1.489   4.688   -16.985 1.00 12.00 ? 77  THR A CG2 1 
ATOM 617 N N   . GLU A 1 78  ? -1.390  4.911   -15.365 1.00 12.00 ? 78  GLU A N   1 
ATOM 618 C CA  . GLU A 1 78  ? -1.886  4.212   -14.167 1.00 12.00 ? 78  GLU A CA  1 
ATOM 619 C C   . GLU A 1 78  ? -0.788  3.415   -13.476 1.00 12.00 ? 78  GLU A C   1 
ATOM 620 O O   . GLU A 1 78  ? -0.138  2.550   -14.073 1.00 12.00 ? 78  GLU A O   1 
ATOM 621 C CB  . GLU A 1 78  ? -3.097  3.354   -14.535 1.00 12.00 ? 78  GLU A CB  1 
ATOM 622 C CG  . GLU A 1 78  ? -3.788  2.766   -13.296 1.00 12.00 ? 78  GLU A CG  1 
ATOM 623 C CD  . GLU A 1 78  ? -5.203  2.266   -13.601 1.00 12.00 ? 78  GLU A CD  1 
ATOM 624 O OE1 . GLU A 1 78  ? -5.390  1.619   -14.650 1.00 12.00 ? 78  GLU A OE1 1 
ATOM 625 O OE2 . GLU A 1 78  ? -6.084  2.581   -12.768 1.00 12.00 ? 78  GLU A OE2 1 
ATOM 626 N N   . TYR A 1 79  ? -0.554  3.811   -12.227 1.00 12.00 ? 79  TYR A N   1 
ATOM 627 C CA  . TYR A 1 79  ? 0.316   3.095   -11.292 1.00 12.00 ? 79  TYR A CA  1 
ATOM 628 C C   . TYR A 1 79  ? -0.517  2.400   -10.215 1.00 12.00 ? 79  TYR A C   1 
ATOM 629 O O   . TYR A 1 79  ? -1.460  2.955   -9.644  1.00 12.00 ? 79  TYR A O   1 
ATOM 630 C CB  . TYR A 1 79  ? 1.348   4.025   -10.667 1.00 12.00 ? 79  TYR A CB  1 
ATOM 631 C CG  . TYR A 1 79  ? 2.598   4.210   -11.535 1.00 12.00 ? 79  TYR A CG  1 
ATOM 632 C CD1 . TYR A 1 79  ? 2.451   4.902   -12.754 1.00 12.00 ? 79  TYR A CD1 1 
ATOM 633 C CD2 . TYR A 1 79  ? 3.859   3.805   -11.051 1.00 12.00 ? 79  TYR A CD2 1 
ATOM 634 C CE1 . TYR A 1 79  ? 3.602   5.238   -13.497 1.00 12.00 ? 79  TYR A CE1 1 
ATOM 635 C CE2 . TYR A 1 79  ? 5.011   4.141   -11.794 1.00 12.00 ? 79  TYR A CE2 1 
ATOM 636 C CZ  . TYR A 1 79  ? 4.869   4.867   -12.992 1.00 12.00 ? 79  TYR A CZ  1 
ATOM 637 O OH  . TYR A 1 79  ? 5.986   5.316   -13.624 1.00 12.00 ? 79  TYR A OH  1 
ATOM 638 N N   . VAL A 1 80  ? -0.169  1.147   -10.049 1.00 12.00 ? 80  VAL A N   1 
ATOM 639 C CA  . VAL A 1 80  ? -0.918  0.170   -9.255  1.00 12.00 ? 80  VAL A CA  1 
ATOM 640 C C   . VAL A 1 80  ? -0.082  -0.369  -8.090  1.00 12.00 ? 80  VAL A C   1 
ATOM 641 O O   . VAL A 1 80  ? 1.123   -0.586  -8.217  1.00 12.00 ? 80  VAL A O   1 
ATOM 642 C CB  . VAL A 1 80  ? -1.577  -0.874  -10.201 1.00 12.00 ? 80  VAL A CB  1 
ATOM 643 C CG1 . VAL A 1 80  ? -0.766  -1.238  -11.438 1.00 12.00 ? 80  VAL A CG1 1 
ATOM 644 C CG2 . VAL A 1 80  ? -2.068  -2.127  -9.483  1.00 12.00 ? 80  VAL A CG2 1 
ATOM 645 N N   . PHE A 1 81  ? -0.769  -0.447  -6.951  1.00 12.00 ? 81  PHE A N   1 
ATOM 646 C CA  . PHE A 1 81  ? -0.216  -0.766  -5.628  1.00 12.00 ? 81  PHE A CA  1 
ATOM 647 C C   . PHE A 1 81  ? -0.859  -2.029  -5.029  1.00 12.00 ? 81  PHE A C   1 
ATOM 648 O O   . PHE A 1 81  ? -2.060  -2.252  -5.165  1.00 12.00 ? 81  PHE A O   1 
ATOM 649 C CB  . PHE A 1 81  ? -0.471  0.399   -4.667  1.00 12.00 ? 81  PHE A CB  1 
ATOM 650 C CG  . PHE A 1 81  ? 0.053   1.742   -5.186  1.00 12.00 ? 81  PHE A CG  1 
ATOM 651 C CD1 . PHE A 1 81  ? 1.407   2.085   -4.991  1.00 12.00 ? 81  PHE A CD1 1 
ATOM 652 C CD2 . PHE A 1 81  ? -0.823  2.589   -5.909  1.00 12.00 ? 81  PHE A CD2 1 
ATOM 653 C CE1 . PHE A 1 81  ? 1.905   3.280   -5.569  1.00 12.00 ? 81  PHE A CE1 1 
ATOM 654 C CE2 . PHE A 1 81  ? -0.325  3.780   -6.478  1.00 12.00 ? 81  PHE A CE2 1 
ATOM 655 C CZ  . PHE A 1 81  ? 1.034   4.111   -6.310  1.00 12.00 ? 81  PHE A CZ  1 
ATOM 656 N N   . ARG A 1 82  ? -0.027  -2.778  -4.311  1.00 12.00 ? 82  ARG A N   1 
ATOM 657 C CA  . ARG A 1 82  ? -0.418  -4.040  -3.642  1.00 12.00 ? 82  ARG A CA  1 
ATOM 658 C C   . ARG A 1 82  ? 0.224   -4.107  -2.251  1.00 12.00 ? 82  ARG A C   1 
ATOM 659 O O   . ARG A 1 82  ? 1.444   -4.025  -2.121  1.00 12.00 ? 82  ARG A O   1 
ATOM 660 C CB  . ARG A 1 82  ? 0.099   -5.178  -4.519  1.00 12.00 ? 82  ARG A CB  1 
ATOM 661 C CG  . ARG A 1 82  ? -0.873  -6.347  -4.617  1.00 12.00 ? 82  ARG A CG  1 
ATOM 662 C CD  . ARG A 1 82  ? -0.253  -7.418  -5.509  1.00 12.00 ? 82  ARG A CD  1 
ATOM 663 N NE  . ARG A 1 82  ? -1.184  -8.549  -5.663  1.00 12.00 ? 82  ARG A NE  1 
ATOM 664 C CZ  . ARG A 1 82  ? -0.970  -9.629  -6.414  1.00 12.00 ? 82  ARG A CZ  1 
ATOM 665 N NH1 . ARG A 1 82  ? 0.144   -9.809  -7.107  1.00 12.00 ? 82  ARG A NH1 1 
ATOM 666 N NH2 . ARG A 1 82  ? -1.911  -10.555 -6.509  1.00 12.00 ? 82  ARG A NH2 1 
ATOM 667 N N   . ILE A 1 83  ? -0.620  -4.244  -1.221  1.00 12.00 ? 83  ILE A N   1 
ATOM 668 C CA  . ILE A 1 83  ? -0.181  -4.222  0.189   1.00 12.00 ? 83  ILE A CA  1 
ATOM 669 C C   . ILE A 1 83  ? -0.712  -5.383  1.054   1.00 12.00 ? 83  ILE A C   1 
ATOM 670 O O   . ILE A 1 83  ? -1.814  -5.896  0.831   1.00 12.00 ? 83  ILE A O   1 
ATOM 671 C CB  . ILE A 1 83  ? -0.485  -2.838  0.825   1.00 12.00 ? 83  ILE A CB  1 
ATOM 672 C CG1 . ILE A 1 83  ? 0.247   -2.668  2.167   1.00 12.00 ? 83  ILE A CG1 1 
ATOM 673 C CG2 . ILE A 1 83  ? -1.997  -2.599  0.964   1.00 12.00 ? 83  ILE A CG2 1 
ATOM 674 C CD1 . ILE A 1 83  ? 0.123   -1.278  2.813   1.00 12.00 ? 83  ILE A CD1 1 
ATOM 675 N N   . ARG A 1 84  ? 0.140   -5.810  1.975   1.00 12.00 ? 84  ARG A N   1 
ATOM 676 C CA  . ARG A 1 84  ? -0.236  -6.629  3.153   1.00 12.00 ? 84  ARG A CA  1 
ATOM 677 C C   . ARG A 1 84  ? 0.644   -6.339  4.389   1.00 12.00 ? 84  ARG A C   1 
ATOM 678 O O   . ARG A 1 84  ? 1.758   -5.818  4.253   1.00 12.00 ? 84  ARG A O   1 
ATOM 679 C CB  . ARG A 1 84  ? -0.352  -8.127  2.864   1.00 12.00 ? 84  ARG A CB  1 
ATOM 680 C CG  . ARG A 1 84  ? 0.810   -8.768  2.111   1.00 12.00 ? 84  ARG A CG  1 
ATOM 681 C CD  . ARG A 1 84  ? 0.436   -10.231 1.943   1.00 12.00 ? 84  ARG A CD  1 
ATOM 682 N NE  . ARG A 1 84  ? 1.259   -10.928 0.932   1.00 12.00 ? 84  ARG A NE  1 
ATOM 683 C CZ  . ARG A 1 84  ? 1.084   -12.195 0.563   1.00 12.00 ? 84  ARG A CZ  1 
ATOM 684 N NH1 . ARG A 1 84  ? 0.150   -12.962 1.113   1.00 12.00 ? 84  ARG A NH1 1 
ATOM 685 N NH2 . ARG A 1 84  ? 1.809   -12.703 -0.416  1.00 12.00 ? 84  ARG A NH2 1 
ATOM 686 N N   . CYS A 1 85  ? 0.078   -6.643  5.559   1.00 12.00 ? 85  CYS A N   1 
ATOM 687 C CA  . CYS A 1 85  ? 0.684   -6.301  6.866   1.00 12.00 ? 85  CYS A CA  1 
ATOM 688 C C   . CYS A 1 85  ? 1.011   -7.524  7.726   1.00 12.00 ? 85  CYS A C   1 
ATOM 689 O O   . CYS A 1 85  ? 0.281   -8.525  7.718   1.00 12.00 ? 85  CYS A O   1 
ATOM 690 C CB  . CYS A 1 85  ? -0.252  -5.403  7.680   1.00 12.00 ? 85  CYS A CB  1 
ATOM 691 S SG  . CYS A 1 85  ? -1.800  -6.195  8.254   1.00 12.00 ? 85  CYS A SG  1 
ATOM 692 N N   . MET A 1 86  ? 2.091   -7.385  8.473   1.00 12.00 ? 86  MET A N   1 
ATOM 693 C CA  . MET A 1 86  ? 2.418   -8.291  9.586   1.00 12.00 ? 86  MET A CA  1 
ATOM 694 C C   . MET A 1 86  ? 2.757   -7.514  10.863  1.00 12.00 ? 86  MET A C   1 
ATOM 695 O O   . MET A 1 86  ? 3.232   -6.383  10.816  1.00 12.00 ? 86  MET A O   1 
ATOM 696 C CB  . MET A 1 86  ? 3.552   -9.275  9.227   1.00 12.00 ? 86  MET A CB  1 
ATOM 697 C CG  . MET A 1 86  ? 4.916   -8.608  9.007   1.00 12.00 ? 86  MET A CG  1 
ATOM 698 S SD  . MET A 1 86  ? 6.284   -9.823  8.998   1.00 12.00 ? 86  MET A SD  1 
ATOM 699 C CE  . MET A 1 86  ? 7.655   -8.697  8.898   1.00 12.00 ? 86  MET A CE  1 
ATOM 700 N N   . LYS A 1 87  ? 2.444   -8.154  11.986  1.00 12.00 ? 87  LYS A N   1 
ATOM 701 C CA  . LYS A 1 87  ? 2.804   -7.657  13.326  1.00 12.00 ? 87  LYS A CA  1 
ATOM 702 C C   . LYS A 1 87  ? 4.315   -7.836  13.567  1.00 12.00 ? 87  LYS A C   1 
ATOM 703 O O   . LYS A 1 87  ? 4.929   -8.754  13.008  1.00 12.00 ? 87  LYS A O   1 
ATOM 704 C CB  . LYS A 1 87  ? 1.949   -8.451  14.313  1.00 12.00 ? 87  LYS A CB  1 
ATOM 705 C CG  . LYS A 1 87  ? 2.028   -7.964  15.763  1.00 12.00 ? 87  LYS A CG  1 
ATOM 706 C CD  . LYS A 1 87  ? 0.987   -8.668  16.638  1.00 12.00 ? 87  LYS A CD  1 
ATOM 707 C CE  . LYS A 1 87  ? 1.250   -10.171 16.803  1.00 12.00 ? 87  LYS A CE  1 
ATOM 708 N NZ  . LYS A 1 87  ? 0.074   -10.807 17.409  1.00 12.00 ? 87  LYS A NZ  1 
ATOM 709 N N   . GLU A 1 88  ? 4.893   -6.860  14.275  1.00 12.00 ? 88  GLU A N   1 
ATOM 710 C CA  . GLU A 1 88  ? 6.321   -6.776  14.670  1.00 12.00 ? 88  GLU A CA  1 
ATOM 711 C C   . GLU A 1 88  ? 7.020   -8.149  14.829  1.00 12.00 ? 88  GLU A C   1 
ATOM 712 O O   . GLU A 1 88  ? 6.472   -9.032  15.487  1.00 12.00 ? 88  GLU A O   1 
ATOM 713 C CB  . GLU A 1 88  ? 6.412   -5.994  15.979  1.00 12.00 ? 88  GLU A CB  1 
ATOM 714 C CG  . GLU A 1 88  ? 7.844   -5.580  16.357  1.00 12.00 ? 88  GLU A CG  1 
ATOM 715 C CD  . GLU A 1 88  ? 7.913   -4.910  17.724  1.00 12.00 ? 88  GLU A CD  1 
ATOM 716 O OE1 . GLU A 1 88  ? 7.173   -3.920  17.928  1.00 12.00 ? 88  GLU A OE1 1 
ATOM 717 O OE2 . GLU A 1 88  ? 8.728   -5.380  18.544  1.00 12.00 ? 88  GLU A OE2 1 
ATOM 718 N N   . ASP A 1 89  ? 8.176   -8.229  14.164  1.00 12.00 ? 89  ASP A N   1 
ATOM 719 C CA  . ASP A 1 89  ? 9.155   -9.336  14.042  1.00 12.00 ? 89  ASP A CA  1 
ATOM 720 C C   . ASP A 1 89  ? 9.305   -9.752  12.559  1.00 12.00 ? 89  ASP A C   1 
ATOM 721 O O   . ASP A 1 89  ? 9.248   -8.881  11.701  1.00 12.00 ? 89  ASP A O   1 
ATOM 722 C CB  . ASP A 1 89  ? 8.937   -10.542 14.985  1.00 12.00 ? 89  ASP A CB  1 
ATOM 723 C CG  . ASP A 1 89  ? 9.412   -10.263 16.416  1.00 12.00 ? 89  ASP A CG  1 
ATOM 724 O OD1 . ASP A 1 89  ? 8.764   -9.475  17.122  1.00 12.00 ? 89  ASP A OD1 1 
ATOM 725 O OD2 . ASP A 1 89  ? 10.453  -10.869 16.746  1.00 12.00 ? 89  ASP A OD2 1 
ATOM 726 N N   . GLY A 1 90  ? 9.752   -10.983 12.326  1.00 12.00 ? 90  GLY A N   1 
ATOM 727 C CA  . GLY A 1 90  ? 9.780   -11.611 10.978  1.00 12.00 ? 90  GLY A CA  1 
ATOM 728 C C   . GLY A 1 90  ? 8.895   -12.872 10.870  1.00 12.00 ? 90  GLY A C   1 
ATOM 729 O O   . GLY A 1 90  ? 8.667   -13.372 9.784   1.00 12.00 ? 90  GLY A O   1 
ATOM 730 N N   . LYS A 1 91  ? 8.279   -13.233 11.998  1.00 12.00 ? 91  LYS A N   1 
ATOM 731 C CA  . LYS A 1 91  ? 7.433   -14.430 12.187  1.00 12.00 ? 91  LYS A CA  1 
ATOM 732 C C   . LYS A 1 91  ? 6.088   -14.374 11.423  1.00 12.00 ? 91  LYS A C   1 
ATOM 733 O O   . LYS A 1 91  ? 5.428   -15.401 11.256  1.00 12.00 ? 91  LYS A O   1 
ATOM 734 C CB  . LYS A 1 91  ? 7.201   -14.530 13.693  1.00 12.00 ? 91  LYS A CB  1 
ATOM 735 C CG  . LYS A 1 91  ? 6.750   -15.906 14.184  1.00 12.00 ? 91  LYS A CG  1 
ATOM 736 C CD  . LYS A 1 91  ? 6.650   -15.881 15.705  1.00 12.00 ? 91  LYS A CD  1 
ATOM 737 C CE  . LYS A 1 91  ? 6.325   -17.264 16.271  1.00 12.00 ? 91  LYS A CE  1 
ATOM 738 N NZ  . LYS A 1 91  ? 6.374   -17.188 17.731  1.00 12.00 ? 91  LYS A NZ  1 
ATOM 739 N N   . GLY A 1 92  ? 5.737   -13.167 10.972  1.00 12.00 ? 92  GLY A N   1 
ATOM 740 C CA  . GLY A 1 92  ? 4.444   -12.813 10.348  1.00 12.00 ? 92  GLY A CA  1 
ATOM 741 C C   . GLY A 1 92  ? 3.939   -13.786 9.274   1.00 12.00 ? 92  GLY A C   1 
ATOM 742 O O   . GLY A 1 92  ? 4.439   -13.843 8.155   1.00 12.00 ? 92  GLY A O   1 
ATOM 743 N N   . TYR A 1 93  ? 2.978   -14.594 9.714   1.00 12.00 ? 93  TYR A N   1 
ATOM 744 C CA  . TYR A 1 93  ? 2.190   -15.484 8.846   1.00 12.00 ? 93  TYR A CA  1 
ATOM 745 C C   . TYR A 1 93  ? 1.157   -14.605 8.133   1.00 12.00 ? 93  TYR A C   1 
ATOM 746 O O   . TYR A 1 93  ? 0.164   -14.184 8.727   1.00 12.00 ? 93  TYR A O   1 
ATOM 747 C CB  . TYR A 1 93  ? 1.493   -16.569 9.685   1.00 12.00 ? 93  TYR A CB  1 
ATOM 748 C CG  . TYR A 1 93  ? 2.466   -17.384 10.542  1.00 12.00 ? 93  TYR A CG  1 
ATOM 749 C CD1 . TYR A 1 93  ? 3.295   -18.346 9.908   1.00 12.00 ? 93  TYR A CD1 1 
ATOM 750 C CD2 . TYR A 1 93  ? 2.565   -17.102 11.924  1.00 12.00 ? 93  TYR A CD2 1 
ATOM 751 C CE1 . TYR A 1 93  ? 4.267   -19.014 10.677  1.00 12.00 ? 93  TYR A CE1 1 
ATOM 752 C CE2 . TYR A 1 93  ? 3.535   -17.779 12.689  1.00 12.00 ? 93  TYR A CE2 1 
ATOM 753 C CZ  . TYR A 1 93  ? 4.379   -18.722 12.054  1.00 12.00 ? 93  TYR A CZ  1 
ATOM 754 O OH  . TYR A 1 93  ? 5.301   -19.385 12.798  1.00 12.00 ? 93  TYR A OH  1 
ATOM 755 N N   . TRP A 1 94  ? 1.589   -14.124 6.973   1.00 12.00 ? 94  TRP A N   1 
ATOM 756 C CA  . TRP A 1 94  ? 0.900   -13.064 6.189   1.00 12.00 ? 94  TRP A CA  1 
ATOM 757 C C   . TRP A 1 94  ? -0.626  -13.131 6.134   1.00 12.00 ? 94  TRP A C   1 
ATOM 758 O O   . TRP A 1 94  ? -1.231  -14.176 5.898   1.00 12.00 ? 94  TRP A O   1 
ATOM 759 C CB  . TRP A 1 94  ? 1.437   -13.003 4.753   1.00 12.00 ? 94  TRP A CB  1 
ATOM 760 C CG  . TRP A 1 94  ? 2.826   -12.368 4.653   1.00 12.00 ? 94  TRP A CG  1 
ATOM 761 C CD1 . TRP A 1 94  ? 3.892   -12.972 4.128   1.00 12.00 ? 94  TRP A CD1 1 
ATOM 762 C CD2 . TRP A 1 94  ? 3.151   -11.030 4.804   1.00 12.00 ? 94  TRP A CD2 1 
ATOM 763 N NE1 . TRP A 1 94  ? 4.862   -12.088 3.910   1.00 12.00 ? 94  TRP A NE1 1 
ATOM 764 C CE2 . TRP A 1 94  ? 4.464   -10.885 4.311   1.00 12.00 ? 94  TRP A CE2 1 
ATOM 765 C CE3 . TRP A 1 94  ? 2.464   -9.900  5.330   1.00 12.00 ? 94  TRP A CE3 1 
ATOM 766 C CZ2 . TRP A 1 94  ? 5.112   -9.637  4.313   1.00 12.00 ? 94  TRP A CZ2 1 
ATOM 767 C CZ3 . TRP A 1 94  ? 3.112   -8.651  5.332   1.00 12.00 ? 94  TRP A CZ3 1 
ATOM 768 C CH2 . TRP A 1 94  ? 4.424   -8.511  4.826   1.00 12.00 ? 94  TRP A CH2 1 
ATOM 769 N N   . SER A 1 95  ? -1.205  -11.951 6.319   1.00 12.00 ? 95  SER A N   1 
ATOM 770 C CA  . SER A 1 95  ? -2.630  -11.724 6.020   1.00 12.00 ? 95  SER A CA  1 
ATOM 771 C C   . SER A 1 95  ? -2.810  -11.670 4.495   1.00 12.00 ? 95  SER A C   1 
ATOM 772 O O   . SER A 1 95  ? -2.018  -11.048 3.788   1.00 12.00 ? 95  SER A O   1 
ATOM 773 C CB  . SER A 1 95  ? -3.127  -10.424 6.643   1.00 12.00 ? 95  SER A CB  1 
ATOM 774 O OG  . SER A 1 95  ? -2.352  -9.271  6.306   1.00 12.00 ? 95  SER A OG  1 
ATOM 775 N N   . ASP A 1 96  ? -3.756  -12.471 4.026   1.00 12.00 ? 96  ASP A N   1 
ATOM 776 C CA  . ASP A 1 96  ? -4.081  -12.562 2.585   1.00 12.00 ? 96  ASP A CA  1 
ATOM 777 C C   . ASP A 1 96  ? -4.397  -11.158 2.039   1.00 12.00 ? 96  ASP A C   1 
ATOM 778 O O   . ASP A 1 96  ? -5.265  -10.495 2.600   1.00 12.00 ? 96  ASP A O   1 
ATOM 779 C CB  . ASP A 1 96  ? -5.279  -13.498 2.393   1.00 12.00 ? 96  ASP A CB  1 
ATOM 780 C CG  . ASP A 1 96  ? -5.530  -13.826 0.919   1.00 12.00 ? 96  ASP A CG  1 
ATOM 781 O OD1 . ASP A 1 96  ? -4.550  -14.176 0.235   1.00 12.00 ? 96  ASP A OD1 1 
ATOM 782 O OD2 . ASP A 1 96  ? -6.719  -13.777 0.521   1.00 12.00 ? 96  ASP A OD2 1 
ATOM 783 N N   . TRP A 1 97  ? -3.487  -10.685 1.179   1.00 12.00 ? 97  TRP A N   1 
ATOM 784 C CA  . TRP A 1 97  ? -3.479  -9.339  0.541   1.00 12.00 ? 97  TRP A CA  1 
ATOM 785 C C   . TRP A 1 97  ? -4.695  -8.447  0.806   1.00 12.00 ? 97  TRP A C   1 
ATOM 786 O O   . TRP A 1 97  ? -5.832  -8.821  0.487   1.00 12.00 ? 97  TRP A O   1 
ATOM 787 C CB  . TRP A 1 97  ? -3.303  -9.461  -0.972  1.00 12.00 ? 97  TRP A CB  1 
ATOM 788 C CG  . TRP A 1 97  ? -1.943  -10.034 -1.398  1.00 12.00 ? 97  TRP A CG  1 
ATOM 789 C CD1 . TRP A 1 97  ? -1.735  -11.273 -1.813  1.00 12.00 ? 97  TRP A CD1 1 
ATOM 790 C CD2 . TRP A 1 97  ? -0.771  -9.313  -1.602  1.00 12.00 ? 97  TRP A CD2 1 
ATOM 791 N NE1 . TRP A 1 97  ? -0.490  -11.392 -2.289  1.00 12.00 ? 97  TRP A NE1 1 
ATOM 792 C CE2 . TRP A 1 97  ? 0.137   -10.227 -2.173  1.00 12.00 ? 97  TRP A CE2 1 
ATOM 793 C CE3 . TRP A 1 97  ? -0.364  -7.996  -1.298  1.00 12.00 ? 97  TRP A CE3 1 
ATOM 794 C CZ2 . TRP A 1 97  ? 1.466   -9.841  -2.457  1.00 12.00 ? 97  TRP A CZ2 1 
ATOM 795 C CZ3 . TRP A 1 97  ? 0.965   -7.615  -1.572  1.00 12.00 ? 97  TRP A CZ3 1 
ATOM 796 C CH2 . TRP A 1 97  ? 1.872   -8.528  -2.143  1.00 12.00 ? 97  TRP A CH2 1 
ATOM 797 N N   . SER A 1 98  ? -4.404  -7.216  1.247   1.00 12.00 ? 98  SER A N   1 
ATOM 798 C CA  . SER A 1 98  ? -5.415  -6.157  1.465   1.00 12.00 ? 98  SER A CA  1 
ATOM 799 C C   . SER A 1 98  ? -6.366  -6.028  0.268   1.00 12.00 ? 98  SER A C   1 
ATOM 800 O O   . SER A 1 98  ? -7.576  -6.244  0.409   1.00 12.00 ? 98  SER A O   1 
ATOM 801 C CB  . SER A 1 98  ? -4.701  -4.821  1.721   1.00 12.00 ? 98  SER A CB  1 
ATOM 802 O OG  . SER A 1 98  ? -5.580  -3.699  1.552   1.00 12.00 ? 98  SER A OG  1 
ATOM 803 N N   . GLU A 1 99  ? -5.740  -5.703  -0.865  1.00 12.00 ? 99  GLU A N   1 
ATOM 804 C CA  . GLU A 1 99  ? -6.266  -5.703  -2.241  1.00 12.00 ? 99  GLU A CA  1 
ATOM 805 C C   . GLU A 1 99  ? -5.231  -5.016  -3.147  1.00 12.00 ? 99  GLU A C   1 
ATOM 806 O O   . GLU A 1 99  ? -4.129  -4.665  -2.709  1.00 12.00 ? 99  GLU A O   1 
ATOM 807 C CB  . GLU A 1 99  ? -7.614  -4.965  -2.356  1.00 12.00 ? 99  GLU A CB  1 
ATOM 808 C CG  . GLU A 1 99  ? -8.534  -5.730  -3.302  1.00 12.00 ? 99  GLU A CG  1 
ATOM 809 C CD  . GLU A 1 99  ? -9.839  -4.968  -3.568  1.00 12.00 ? 99  GLU A CD  1 
ATOM 810 O OE1 . GLU A 1 99  ? -10.699 -4.973  -2.657  1.00 12.00 ? 99  GLU A OE1 1 
ATOM 811 O OE2 . GLU A 1 99  ? -9.961  -4.455  -4.693  1.00 12.00 ? 99  GLU A OE2 1 
ATOM 812 N N   . GLU A 1 100 ? -5.560  -4.997  -4.428  1.00 12.00 ? 100 GLU A N   1 
ATOM 813 C CA  . GLU A 1 100 ? -4.886  -4.178  -5.443  1.00 12.00 ? 100 GLU A CA  1 
ATOM 814 C C   . GLU A 1 100 ? -5.632  -2.831  -5.542  1.00 12.00 ? 100 GLU A C   1 
ATOM 815 O O   . GLU A 1 100 ? -6.859  -2.805  -5.602  1.00 12.00 ? 100 GLU A O   1 
ATOM 816 C CB  . GLU A 1 100 ? -4.999  -4.931  -6.775  1.00 12.00 ? 100 GLU A CB  1 
ATOM 817 C CG  . GLU A 1 100 ? -4.205  -4.225  -7.873  1.00 12.00 ? 100 GLU A CG  1 
ATOM 818 C CD  . GLU A 1 100 ? -4.503  -4.785  -9.268  1.00 12.00 ? 100 GLU A CD  1 
ATOM 819 O OE1 . GLU A 1 100 ? -3.843  -5.780  -9.626  1.00 12.00 ? 100 GLU A OE1 1 
ATOM 820 O OE2 . GLU A 1 100 ? -5.354  -4.173  -9.951  1.00 12.00 ? 100 GLU A OE2 1 
ATOM 821 N N   . ALA A 1 101 ? -4.865  -1.743  -5.524  1.00 12.00 ? 101 ALA A N   1 
ATOM 822 C CA  . ALA A 1 101 ? -5.387  -0.395  -5.797  1.00 12.00 ? 101 ALA A CA  1 
ATOM 823 C C   . ALA A 1 101 ? -4.638  0.238   -6.977  1.00 12.00 ? 101 ALA A C   1 
ATOM 824 O O   . ALA A 1 101 ? -3.417  0.305   -6.985  1.00 12.00 ? 101 ALA A O   1 
ATOM 825 C CB  . ALA A 1 101 ? -5.274  0.504   -4.576  1.00 12.00 ? 101 ALA A CB  1 
ATOM 826 N N   . SER A 1 102 ? -5.425  0.746   -7.919  1.00 12.00 ? 102 SER A N   1 
ATOM 827 C CA  . SER A 1 102 ? -4.909  1.244   -9.217  1.00 12.00 ? 102 SER A CA  1 
ATOM 828 C C   . SER A 1 102 ? -5.240  2.734   -9.429  1.00 12.00 ? 102 SER A C   1 
ATOM 829 O O   . SER A 1 102 ? -6.407  3.100   -9.517  1.00 12.00 ? 102 SER A O   1 
ATOM 830 C CB  . SER A 1 102 ? -5.494  0.396   -10.353 1.00 12.00 ? 102 SER A CB  1 
ATOM 831 O OG  . SER A 1 102 ? -5.140  -0.979  -10.154 1.00 12.00 ? 102 SER A OG  1 
ATOM 832 N N   . GLY A 1 103 ? -4.191  3.548   -9.461  1.00 12.00 ? 103 GLY A N   1 
ATOM 833 C CA  . GLY A 1 103 ? -4.314  5.021   -9.537  1.00 12.00 ? 103 GLY A CA  1 
ATOM 834 C C   . GLY A 1 103 ? -3.617  5.659   -10.742 1.00 12.00 ? 103 GLY A C   1 
ATOM 835 O O   . GLY A 1 103 ? -2.436  5.445   -11.003 1.00 12.00 ? 103 GLY A O   1 
ATOM 836 N N   . ILE A 1 104 ? -4.368  6.561   -11.350 1.00 12.00 ? 104 ILE A N   1 
ATOM 837 C CA  . ILE A 1 104 ? -3.912  7.333   -12.530 1.00 12.00 ? 104 ILE A CA  1 
ATOM 838 C C   . ILE A 1 104 ? -3.429  8.709   -12.037 1.00 12.00 ? 104 ILE A C   1 
ATOM 839 O O   . ILE A 1 104 ? -4.156  9.449   -11.371 1.00 12.00 ? 104 ILE A O   1 
ATOM 840 C CB  . ILE A 1 104 ? -5.030  7.480   -13.582 1.00 12.00 ? 104 ILE A CB  1 
ATOM 841 C CG1 . ILE A 1 104 ? -5.650  6.122   -13.927 1.00 12.00 ? 104 ILE A CG1 1 
ATOM 842 C CG2 . ILE A 1 104 ? -4.458  8.130   -14.850 1.00 12.00 ? 104 ILE A CG2 1 
ATOM 843 C CD1 . ILE A 1 104 ? -6.999  6.195   -14.651 1.00 12.00 ? 104 ILE A CD1 1 
ATOM 844 N N   . THR A 1 105 ? -2.181  9.004   -12.392 1.00 12.00 ? 105 THR A N   1 
ATOM 845 C CA  . THR A 1 105 ? -1.511  10.293  -12.106 1.00 12.00 ? 105 THR A CA  1 
ATOM 846 C C   . THR A 1 105 ? -1.992  11.431  -13.021 1.00 12.00 ? 105 THR A C   1 
ATOM 847 O O   . THR A 1 105 ? -1.273  11.933  -13.888 1.00 12.00 ? 105 THR A O   1 
ATOM 848 C CB  . THR A 1 105 ? 0.010   10.151  -12.211 1.00 12.00 ? 105 THR A CB  1 
ATOM 849 O OG1 . THR A 1 105 ? 0.351   8.884   -12.779 1.00 12.00 ? 105 THR A OG1 1 
ATOM 850 C CG2 . THR A 1 105 ? 0.650   10.326  -10.843 1.00 12.00 ? 105 THR A CG2 1 
ATOM 851 N N   . TYR A 1 106 ? -3.267  11.755  -12.808 1.00 12.00 ? 106 TYR A N   1 
ATOM 852 C CA  . TYR A 1 106 ? -4.054  12.820  -13.467 1.00 12.00 ? 106 TYR A CA  1 
ATOM 853 C C   . TYR A 1 106 ? -3.656  13.053  -14.952 1.00 12.00 ? 106 TYR A C   1 
ATOM 854 O O   . TYR A 1 106 ? -3.696  12.100  -15.726 1.00 12.00 ? 106 TYR A O   1 
ATOM 855 C CB  . TYR A 1 106 ? -3.982  14.071  -12.566 1.00 12.00 ? 106 TYR A CB  1 
ATOM 856 C CG  . TYR A 1 106 ? -5.270  14.900  -12.623 1.00 12.00 ? 106 TYR A CG  1 
ATOM 857 C CD1 . TYR A 1 106 ? -6.412  14.401  -11.964 1.00 12.00 ? 106 TYR A CD1 1 
ATOM 858 C CD2 . TYR A 1 106 ? -5.254  16.164  -13.242 1.00 12.00 ? 106 TYR A CD2 1 
ATOM 859 C CE1 . TYR A 1 106 ? -7.583  15.193  -11.926 1.00 12.00 ? 106 TYR A CE1 1 
ATOM 860 C CE2 . TYR A 1 106 ? -6.412  16.962  -13.201 1.00 12.00 ? 106 TYR A CE2 1 
ATOM 861 C CZ  . TYR A 1 106 ? -7.563  16.470  -12.550 1.00 12.00 ? 106 TYR A CZ  1 
ATOM 862 O OH  . TYR A 1 106 ? -8.695  17.218  -12.517 1.00 12.00 ? 106 TYR A OH  1 
ATOM 863 N N   . GLU A 1 107 ? -3.298  14.278  -15.332 1.00 12.00 ? 107 GLU A N   1 
ATOM 864 C CA  . GLU A 1 107 ? -2.771  14.612  -16.681 1.00 12.00 ? 107 GLU A CA  1 
ATOM 865 C C   . GLU A 1 107 ? -1.642  15.641  -16.563 1.00 12.00 ? 107 GLU A C   1 
ATOM 866 O O   . GLU A 1 107 ? -1.737  16.597  -15.801 1.00 12.00 ? 107 GLU A O   1 
ATOM 867 C CB  . GLU A 1 107 ? -3.873  15.179  -17.586 1.00 12.00 ? 107 GLU A CB  1 
ATOM 868 C CG  . GLU A 1 107 ? -4.851  14.102  -18.061 1.00 12.00 ? 107 GLU A CG  1 
ATOM 869 C CD  . GLU A 1 107 ? -5.898  14.651  -19.035 1.00 12.00 ? 107 GLU A CD  1 
ATOM 870 O OE1 . GLU A 1 107 ? -5.479  15.215  -20.071 1.00 12.00 ? 107 GLU A OE1 1 
ATOM 871 O OE2 . GLU A 1 107 ? -7.094  14.497  -18.721 1.00 12.00 ? 107 GLU A OE2 1 
ATOM 872 N N   . ASP A 1 108 ? -0.576  15.412  -17.338 1.00 12.00 ? 108 ASP A N   1 
ATOM 873 C CA  . ASP A 1 108 ? 0.610   16.298  -17.346 1.00 12.00 ? 108 ASP A CA  1 
ATOM 874 C C   . ASP A 1 108 ? 0.316   17.730  -17.822 1.00 12.00 ? 108 ASP A C   1 
ATOM 875 O O   . ASP A 1 108 ? 0.722   18.695  -17.169 1.00 12.00 ? 108 ASP A O   1 
ATOM 876 C CB  . ASP A 1 108 ? 1.780   15.690  -18.148 1.00 12.00 ? 108 ASP A CB  1 
ATOM 877 C CG  . ASP A 1 108 ? 1.548   15.500  -19.657 1.00 12.00 ? 108 ASP A CG  1 
ATOM 878 O OD1 . ASP A 1 108 ? 0.413   15.100  -20.020 1.00 12.00 ? 108 ASP A OD1 1 
ATOM 879 O OD2 . ASP A 1 108 ? 2.492   15.798  -20.416 1.00 12.00 ? 108 ASP A OD2 1 
ATOM 880 N N   . ARG A 1 109 ? -0.389  17.834  -18.938 1.00 12.00 ? 109 ARG A N   1 
ATOM 881 C CA  . ARG A 1 109 ? -0.835  19.122  -19.517 1.00 12.00 ? 109 ARG A CA  1 
ATOM 882 C C   . ARG A 1 109 ? -2.215  19.582  -18.990 1.00 12.00 ? 109 ARG A C   1 
ATOM 883 O O   . ARG A 1 109 ? -3.017  18.685  -18.639 1.00 12.00 ? 109 ARG A O   1 
ATOM 884 C CB  . ARG A 1 109 ? -0.826  19.073  -21.047 1.00 12.00 ? 109 ARG A CB  1 
ATOM 885 C CG  . ARG A 1 109 ? -1.701  17.970  -21.656 1.00 12.00 ? 109 ARG A CG  1 
ATOM 886 C CD  . ARG A 1 109 ? -1.927  18.179  -23.161 1.00 12.00 ? 109 ARG A CD  1 
ATOM 887 N NE  . ARG A 1 109 ? -0.712  17.927  -23.964 1.00 12.00 ? 109 ARG A NE  1 
ATOM 888 C CZ  . ARG A 1 109 ? 0.071   18.851  -24.525 1.00 12.00 ? 109 ARG A CZ  1 
ATOM 889 N NH1 . ARG A 1 109 ? -0.107  20.148  -24.344 1.00 12.00 ? 109 ARG A NH1 1 
ATOM 890 N NH2 . ARG A 1 109 ? 0.922   18.484  -25.472 1.00 12.00 ? 109 ARG A NH2 1 
# 
